data_7L74
#
_entry.id   7L74
#
_cell.length_a   196.319
_cell.length_b   63.209
_cell.length_c   105.006
_cell.angle_alpha   90.000
_cell.angle_beta   100.420
_cell.angle_gamma   90.000
#
_symmetry.space_group_name_H-M   'C 1 2 1'
#
loop_
_entity.id
_entity.type
_entity.pdbx_description
1 polymer Beta-hexosyltransferase
2 branched 2-acetamido-2-deoxy-beta-D-glucopyranose-(1-4)-2-acetamido-2-deoxy-beta-D-glucopyranose
3 non-polymer 'CALCIUM ION'
4 non-polymer 2-AMINO-2-HYDROXYMETHYL-PROPANE-1,3-DIOL
5 water water
#
_entity_poly.entity_id   1
_entity_poly.type   'polypeptide(L)'
_entity_poly.pdbx_seq_one_letter_code
;VTYPGAIPLSLTSNYETPSPTAIPLEPTPTATG(TPO)AELDALWNLVEAQYPVQ(TPO)AAVT(TPO)LVTVPDDYKFE
ADPPSYALAGYETSEIAGLKFPKGFKFGVAGAAIQVEGAAKAEGRGPSTWDYLCHHYASTQCNNYDPDITTNHYYLYPLD
FARLQHLGINTYSFSISWTRIYPLGAGYVNEAGLAHYDAVIHSAKKYGLEPVGTVFHWDTPLSLMLKYGAWQDTGDQIVK
DFVTYATTVFKRYGNEVKTWFTFNEPRVFCSQNSGLPYNLTYPEGINSTSAVFRCTYNVLKAHGHAVKVYRDLVASGTIA
AGEIGFKSDDNYPIPARPGNADDEESAKRHEAFRIGIFAQPVYGNGDYPDVVKETVGDMLPALTDEDKGYIKGSGDIFAI
DGYRTDISHAALNGIANCIRNQSDPNWPVCEEGSDPFAHVYPSGFAIGQSADPLSSWLVNSAPFIRDQLKFLTQTYPAKG
GIYFSEFGWAEDAEYDRQLLYQITWDGLRTQYLTDYLSQLLLAVHKDGINLRGALTWSFVDNWEWGLGMQQKFGFQFVNQ
SDPDLTRTFKLSAHAYAQFGRNHLHHHHHH
;
_entity_poly.pdbx_strand_id   A,B
#
# COMPACT_ATOMS: atom_id res chain seq x y z
N THR A 32 -40.49 -32.90 8.76
CA THR A 32 -40.90 -32.04 7.61
C THR A 32 -39.72 -32.15 6.62
N GLY A 33 -39.94 -32.12 5.30
CA GLY A 33 -38.86 -32.24 4.28
C GLY A 33 -38.72 -30.97 3.45
N ALA A 35 -41.03 -29.24 3.02
CA ALA A 35 -41.87 -28.38 3.85
C ALA A 35 -41.04 -27.53 4.82
N GLU A 36 -40.11 -28.13 5.57
CA GLU A 36 -39.25 -27.47 6.58
C GLU A 36 -38.25 -26.53 5.86
N LEU A 37 -37.71 -26.97 4.72
CA LEU A 37 -36.81 -26.13 3.88
C LEU A 37 -37.49 -24.77 3.64
N ASP A 38 -38.73 -24.81 3.15
CA ASP A 38 -39.51 -23.61 2.83
C ASP A 38 -39.58 -22.72 4.08
N ALA A 39 -39.99 -23.32 5.22
CA ALA A 39 -40.20 -22.64 6.51
C ALA A 39 -38.93 -21.88 6.90
N LEU A 40 -37.78 -22.55 6.79
CA LEU A 40 -36.49 -21.98 7.22
C LEU A 40 -36.16 -20.79 6.31
N TRP A 41 -36.32 -20.93 4.97
CA TRP A 41 -36.07 -19.79 4.03
C TRP A 41 -37.06 -18.64 4.33
N ASN A 42 -38.34 -18.91 4.59
CA ASN A 42 -39.32 -17.87 5.00
C ASN A 42 -38.88 -17.15 6.29
N LEU A 43 -38.23 -17.86 7.22
CA LEU A 43 -37.69 -17.24 8.47
C LEU A 43 -36.48 -16.36 8.09
N VAL A 44 -35.59 -16.86 7.24
CA VAL A 44 -34.37 -16.14 6.75
C VAL A 44 -34.75 -14.89 5.96
N GLU A 45 -35.83 -14.96 5.15
CA GLU A 45 -36.16 -13.91 4.15
C GLU A 45 -37.24 -12.95 4.66
N ALA A 46 -37.61 -13.03 5.94
CA ALA A 46 -38.69 -12.22 6.58
C ALA A 46 -38.53 -10.73 6.26
N GLN A 47 -37.31 -10.17 6.36
CA GLN A 47 -37.04 -8.71 6.15
C GLN A 47 -36.72 -8.41 4.67
N TYR A 48 -35.90 -9.25 4.02
CA TYR A 48 -35.63 -9.05 2.58
C TYR A 48 -35.14 -10.36 1.98
N PRO A 49 -35.55 -10.60 0.72
CA PRO A 49 -35.39 -11.90 0.11
C PRO A 49 -33.91 -12.11 -0.26
N VAL A 50 -33.58 -13.34 -0.61
CA VAL A 50 -32.29 -13.68 -1.25
C VAL A 50 -32.27 -13.13 -2.68
N GLN A 51 -31.24 -12.37 -3.02
CA GLN A 51 -31.05 -11.76 -4.37
C GLN A 51 -30.50 -12.82 -5.32
N ALA A 53 -28.42 -13.65 -8.98
CA ALA A 53 -27.38 -13.12 -9.84
C ALA A 53 -27.94 -12.78 -11.23
N ALA A 54 -27.29 -11.89 -11.98
CA ALA A 54 -27.73 -11.63 -13.38
C ALA A 54 -27.38 -12.85 -14.24
N VAL A 55 -26.45 -13.69 -13.77
CA VAL A 55 -26.01 -14.91 -14.47
C VAL A 55 -26.30 -16.11 -13.57
N THR A 56 -27.17 -17.00 -14.06
CA THR A 56 -27.85 -18.15 -13.39
C THR A 56 -27.63 -19.40 -14.26
N LEU A 58 -24.33 -21.79 -16.44
CA LEU A 58 -22.94 -22.20 -16.40
C LEU A 58 -22.13 -21.37 -17.42
N VAL A 59 -21.07 -20.71 -16.97
CA VAL A 59 -20.18 -19.87 -17.83
C VAL A 59 -18.92 -20.68 -18.16
N THR A 60 -18.66 -20.92 -19.44
CA THR A 60 -17.41 -21.58 -19.97
C THR A 60 -16.75 -20.62 -20.96
N VAL A 61 -15.51 -20.89 -21.33
CA VAL A 61 -14.79 -20.19 -22.43
C VAL A 61 -14.33 -21.22 -23.42
N PRO A 62 -14.32 -20.87 -24.72
CA PRO A 62 -13.75 -21.74 -25.75
C PRO A 62 -12.23 -21.94 -25.56
N ASP A 63 -11.62 -22.93 -26.22
CA ASP A 63 -10.17 -23.29 -26.07
C ASP A 63 -9.29 -22.10 -26.52
N ASP A 64 -9.65 -21.42 -27.62
CA ASP A 64 -8.84 -20.31 -28.23
C ASP A 64 -9.28 -18.91 -27.74
N TYR A 65 -9.89 -18.78 -26.55
CA TYR A 65 -10.29 -17.48 -25.95
C TYR A 65 -9.03 -16.77 -25.42
N LYS A 66 -9.01 -15.45 -25.57
CA LYS A 66 -7.83 -14.62 -25.23
C LYS A 66 -8.01 -14.01 -23.85
N PHE A 67 -7.13 -14.37 -22.95
CA PHE A 67 -7.03 -13.76 -21.61
C PHE A 67 -6.46 -12.34 -21.82
N GLU A 68 -6.66 -11.45 -20.85
CA GLU A 68 -5.99 -10.14 -20.87
C GLU A 68 -4.47 -10.35 -21.00
N ALA A 69 -3.79 -9.39 -21.64
CA ALA A 69 -2.36 -9.48 -22.00
C ALA A 69 -1.56 -9.48 -20.70
N ASP A 70 -0.36 -10.06 -20.71
CA ASP A 70 0.51 -10.08 -19.50
C ASP A 70 0.96 -8.66 -19.15
N PRO A 71 1.41 -8.46 -17.90
CA PRO A 71 2.05 -7.22 -17.48
C PRO A 71 3.32 -7.05 -18.29
N PRO A 72 3.98 -5.87 -18.26
CA PRO A 72 5.24 -5.70 -18.96
C PRO A 72 6.33 -6.61 -18.38
N SER A 73 7.35 -6.84 -19.18
CA SER A 73 8.37 -7.91 -18.95
C SER A 73 9.15 -7.55 -17.67
N TYR A 74 9.31 -6.26 -17.32
CA TYR A 74 10.09 -5.84 -16.14
C TYR A 74 9.28 -5.93 -14.83
N ALA A 75 7.98 -6.26 -14.90
CA ALA A 75 7.04 -6.02 -13.78
C ALA A 75 7.40 -6.83 -12.55
N LEU A 76 8.00 -8.02 -12.70
CA LEU A 76 8.31 -8.91 -11.56
C LEU A 76 9.77 -8.78 -11.14
N ALA A 77 10.55 -7.91 -11.79
CA ALA A 77 11.95 -7.63 -11.40
C ALA A 77 12.02 -7.24 -9.89
N GLY A 78 12.96 -7.81 -9.14
CA GLY A 78 13.17 -7.37 -7.75
C GLY A 78 12.50 -8.22 -6.66
N TYR A 79 11.51 -9.06 -6.98
CA TYR A 79 10.64 -9.73 -5.98
C TYR A 79 11.35 -10.99 -5.41
N GLU A 80 11.82 -11.89 -6.28
CA GLU A 80 12.66 -13.06 -5.94
C GLU A 80 14.08 -12.57 -5.62
N THR A 81 14.61 -13.09 -4.51
CA THR A 81 15.97 -12.86 -3.94
C THR A 81 16.92 -13.89 -4.58
N SER A 82 18.21 -13.60 -4.68
CA SER A 82 19.18 -14.54 -5.31
C SER A 82 19.27 -15.86 -4.50
N GLU A 83 18.94 -15.85 -3.21
CA GLU A 83 19.20 -17.01 -2.31
C GLU A 83 18.24 -18.19 -2.63
N ILE A 84 17.28 -18.05 -3.56
CA ILE A 84 16.42 -19.21 -3.94
C ILE A 84 16.69 -19.59 -5.41
N ALA A 85 17.60 -18.90 -6.07
CA ALA A 85 18.02 -19.23 -7.47
C ALA A 85 18.20 -20.75 -7.58
N GLY A 86 17.39 -21.39 -8.43
CA GLY A 86 17.60 -22.79 -8.86
C GLY A 86 17.05 -23.83 -7.87
N LEU A 87 16.47 -23.42 -6.75
CA LEU A 87 15.84 -24.31 -5.75
C LEU A 87 14.44 -24.71 -6.25
N LYS A 88 14.10 -26.00 -6.15
CA LYS A 88 12.81 -26.60 -6.55
C LYS A 88 12.05 -27.19 -5.33
N PHE A 89 10.74 -27.05 -5.32
CA PHE A 89 9.87 -27.77 -4.38
C PHE A 89 9.92 -29.25 -4.79
N PRO A 90 9.59 -30.15 -3.84
CA PRO A 90 9.51 -31.58 -4.11
C PRO A 90 8.57 -31.91 -5.28
N LYS A 91 8.84 -33.00 -5.97
CA LYS A 91 7.95 -33.67 -6.94
C LYS A 91 6.56 -33.84 -6.30
N GLY A 92 5.52 -33.42 -7.02
CA GLY A 92 4.11 -33.60 -6.61
C GLY A 92 3.66 -32.50 -5.66
N PHE A 93 4.47 -31.48 -5.41
CA PHE A 93 4.12 -30.35 -4.53
C PHE A 93 2.83 -29.71 -5.10
N LYS A 94 1.86 -29.54 -4.20
CA LYS A 94 0.56 -28.94 -4.56
C LYS A 94 0.70 -27.40 -4.52
N PHE A 95 0.59 -26.80 -5.70
CA PHE A 95 0.78 -25.37 -5.98
C PHE A 95 -0.56 -24.81 -6.41
N GLY A 96 -1.24 -24.10 -5.51
CA GLY A 96 -2.69 -23.93 -5.62
C GLY A 96 -3.21 -22.71 -4.93
N VAL A 97 -4.54 -22.73 -4.91
CA VAL A 97 -5.41 -21.61 -4.45
C VAL A 97 -6.46 -22.23 -3.58
N ALA A 98 -7.09 -21.41 -2.73
CA ALA A 98 -8.13 -21.85 -1.78
C ALA A 98 -9.33 -20.89 -1.83
N GLY A 99 -10.51 -21.48 -1.79
CA GLY A 99 -11.84 -20.86 -1.64
C GLY A 99 -12.69 -21.70 -0.70
N ALA A 100 -13.85 -21.18 -0.33
CA ALA A 100 -14.83 -21.84 0.51
C ALA A 100 -16.20 -21.55 -0.08
N ALA A 101 -17.11 -22.51 0.09
CA ALA A 101 -18.40 -22.58 -0.61
C ALA A 101 -19.16 -21.28 -0.38
N ILE A 102 -19.42 -20.95 0.86
CA ILE A 102 -20.24 -19.73 1.17
C ILE A 102 -19.49 -18.43 0.78
N GLN A 103 -18.15 -18.40 0.74
CA GLN A 103 -17.39 -17.18 0.39
C GLN A 103 -17.32 -16.98 -1.13
N VAL A 104 -17.53 -18.01 -1.95
CA VAL A 104 -17.32 -17.86 -3.43
C VAL A 104 -18.52 -18.21 -4.30
N GLU A 105 -19.43 -19.07 -3.85
CA GLU A 105 -20.40 -19.73 -4.76
C GLU A 105 -21.53 -18.76 -5.13
N GLY A 106 -22.13 -18.10 -4.14
CA GLY A 106 -23.45 -17.52 -4.30
C GLY A 106 -24.51 -18.62 -4.43
N ALA A 107 -25.51 -18.39 -5.29
CA ALA A 107 -26.61 -19.34 -5.56
C ALA A 107 -27.09 -19.86 -4.21
N ALA A 108 -27.33 -18.98 -3.24
CA ALA A 108 -27.67 -19.37 -1.85
C ALA A 108 -28.91 -20.28 -1.83
N LYS A 109 -29.85 -20.15 -2.78
CA LYS A 109 -31.10 -20.98 -2.82
C LYS A 109 -31.18 -21.88 -4.07
N ALA A 110 -30.15 -21.94 -4.91
CA ALA A 110 -30.17 -22.75 -6.16
C ALA A 110 -30.26 -24.25 -5.80
N GLU A 111 -31.08 -24.99 -6.54
CA GLU A 111 -31.08 -26.47 -6.63
C GLU A 111 -31.19 -27.04 -5.22
N GLY A 112 -32.10 -26.52 -4.43
CA GLY A 112 -32.56 -27.13 -3.18
C GLY A 112 -31.67 -26.87 -2.00
N ARG A 113 -30.69 -25.94 -2.12
CA ARG A 113 -29.81 -25.60 -0.97
C ARG A 113 -30.67 -25.12 0.21
N GLY A 114 -30.37 -25.62 1.41
CA GLY A 114 -30.88 -25.10 2.69
C GLY A 114 -30.06 -23.92 3.23
N PRO A 115 -30.63 -23.12 4.14
CA PRO A 115 -29.90 -22.01 4.75
C PRO A 115 -28.87 -22.41 5.82
N SER A 116 -27.77 -21.66 5.85
CA SER A 116 -26.78 -21.70 6.95
C SER A 116 -27.13 -20.64 7.98
N THR A 117 -26.42 -20.68 9.10
CA THR A 117 -26.50 -19.67 10.19
C THR A 117 -26.15 -18.30 9.61
N TRP A 118 -25.27 -18.25 8.61
CA TRP A 118 -24.82 -16.98 8.00
C TRP A 118 -25.89 -16.41 7.06
N ASP A 119 -26.64 -17.26 6.36
CA ASP A 119 -27.81 -16.83 5.54
C ASP A 119 -28.76 -16.05 6.47
N TYR A 120 -29.00 -16.57 7.67
CA TYR A 120 -29.90 -15.96 8.67
C TYR A 120 -29.27 -14.67 9.17
N LEU A 121 -28.02 -14.74 9.61
CA LEU A 121 -27.34 -13.63 10.31
C LEU A 121 -27.37 -12.39 9.40
N CYS A 122 -26.95 -12.53 8.15
CA CYS A 122 -26.77 -11.39 7.21
C CYS A 122 -28.11 -10.88 6.64
N HIS A 123 -29.22 -11.64 6.73
CA HIS A 123 -30.55 -11.18 6.28
C HIS A 123 -31.29 -10.49 7.45
N HIS A 124 -30.85 -10.65 8.70
CA HIS A 124 -31.57 -10.09 9.88
C HIS A 124 -30.69 -9.05 10.60
N TYR A 125 -29.35 -9.11 10.48
CA TYR A 125 -28.44 -8.21 11.23
C TYR A 125 -27.35 -7.66 10.30
N ALA A 126 -27.68 -7.40 9.04
CA ALA A 126 -26.72 -6.98 8.00
C ALA A 126 -25.89 -5.78 8.48
N SER A 127 -26.51 -4.72 9.00
CA SER A 127 -25.84 -3.42 9.29
C SER A 127 -24.84 -3.55 10.44
N THR A 128 -25.08 -4.47 11.38
CA THR A 128 -24.34 -4.65 12.65
C THR A 128 -23.30 -5.76 12.49
N GLN A 129 -23.68 -6.90 11.93
CA GLN A 129 -22.81 -8.11 11.94
C GLN A 129 -22.19 -8.38 10.55
N CYS A 130 -22.69 -7.79 9.48
CA CYS A 130 -22.32 -8.20 8.10
C CYS A 130 -21.84 -7.05 7.22
N ASN A 131 -21.68 -5.81 7.72
CA ASN A 131 -21.14 -4.68 6.92
C ASN A 131 -22.01 -4.43 5.69
N ASN A 132 -23.32 -4.68 5.80
CA ASN A 132 -24.36 -4.50 4.75
C ASN A 132 -24.13 -5.39 3.53
N TYR A 133 -23.44 -6.50 3.68
CA TYR A 133 -23.33 -7.53 2.63
C TYR A 133 -24.01 -8.81 3.11
N ASP A 134 -24.09 -9.78 2.23
CA ASP A 134 -24.69 -11.10 2.52
C ASP A 134 -24.08 -12.07 1.52
N PRO A 135 -24.05 -13.38 1.83
CA PRO A 135 -23.57 -14.37 0.87
C PRO A 135 -24.59 -14.89 -0.15
N ASP A 136 -25.60 -14.11 -0.55
CA ASP A 136 -26.57 -14.48 -1.61
C ASP A 136 -25.80 -14.84 -2.90
N ILE A 137 -24.84 -14.01 -3.29
CA ILE A 137 -24.24 -14.03 -4.67
C ILE A 137 -22.70 -14.12 -4.59
N THR A 138 -22.00 -13.32 -3.75
CA THR A 138 -20.52 -13.28 -3.64
C THR A 138 -19.92 -13.24 -5.06
N THR A 139 -19.13 -14.21 -5.51
CA THR A 139 -18.41 -14.17 -6.83
C THR A 139 -19.15 -15.04 -7.86
N ASN A 140 -20.25 -15.69 -7.47
CA ASN A 140 -21.09 -16.50 -8.39
C ASN A 140 -20.24 -17.67 -8.94
N HIS A 141 -19.25 -18.15 -8.17
CA HIS A 141 -18.40 -19.31 -8.53
C HIS A 141 -19.29 -20.55 -8.77
N TYR A 142 -20.46 -20.60 -8.16
CA TYR A 142 -21.41 -21.71 -8.35
C TYR A 142 -21.70 -21.91 -9.84
N TYR A 143 -21.80 -20.81 -10.60
CA TYR A 143 -22.05 -20.87 -12.06
C TYR A 143 -20.79 -20.58 -12.90
N LEU A 144 -19.75 -19.91 -12.35
CA LEU A 144 -18.59 -19.40 -13.15
C LEU A 144 -17.36 -20.33 -13.06
N TYR A 145 -17.42 -21.40 -12.29
CA TYR A 145 -16.25 -22.27 -12.00
C TYR A 145 -15.57 -22.67 -13.31
N PRO A 146 -16.26 -23.00 -14.43
CA PRO A 146 -15.50 -23.45 -15.61
C PRO A 146 -14.56 -22.34 -16.06
N LEU A 147 -15.05 -21.10 -16.06
CA LEU A 147 -14.28 -19.89 -16.47
C LEU A 147 -13.12 -19.75 -15.48
N ASP A 148 -13.40 -19.88 -14.17
CA ASP A 148 -12.41 -19.76 -13.07
C ASP A 148 -11.28 -20.75 -13.27
N PHE A 149 -11.60 -21.97 -13.66
CA PHE A 149 -10.61 -23.07 -13.83
C PHE A 149 -9.76 -22.82 -15.05
N ALA A 150 -10.36 -22.38 -16.15
CA ALA A 150 -9.61 -22.02 -17.39
C ALA A 150 -8.61 -20.92 -17.02
N ARG A 151 -8.99 -19.99 -16.13
CA ARG A 151 -8.10 -18.84 -15.79
C ARG A 151 -7.00 -19.35 -14.83
N LEU A 152 -7.33 -20.26 -13.88
CA LEU A 152 -6.27 -20.85 -13.02
C LEU A 152 -5.31 -21.67 -13.90
N GLN A 153 -5.80 -22.39 -14.88
CA GLN A 153 -4.93 -23.16 -15.79
C GLN A 153 -3.93 -22.23 -16.52
N HIS A 154 -4.38 -21.07 -16.99
CA HIS A 154 -3.49 -20.06 -17.66
C HIS A 154 -2.32 -19.67 -16.75
N LEU A 155 -2.47 -19.77 -15.42
CA LEU A 155 -1.45 -19.41 -14.39
C LEU A 155 -0.60 -20.61 -13.95
N GLY A 156 -0.84 -21.81 -14.48
CA GLY A 156 -0.01 -22.97 -14.10
C GLY A 156 -0.40 -23.56 -12.75
N ILE A 157 -1.54 -23.14 -12.20
CA ILE A 157 -2.05 -23.66 -10.89
C ILE A 157 -2.25 -25.15 -11.06
N ASN A 158 -1.91 -25.98 -10.06
CA ASN A 158 -2.06 -27.45 -10.21
C ASN A 158 -2.97 -28.03 -9.14
N THR A 159 -3.53 -27.23 -8.26
CA THR A 159 -4.37 -27.63 -7.09
C THR A 159 -5.43 -26.56 -6.78
N TYR A 160 -6.66 -27.03 -6.59
CA TYR A 160 -7.84 -26.23 -6.22
C TYR A 160 -8.44 -26.78 -4.91
N SER A 161 -8.35 -25.97 -3.87
CA SER A 161 -8.93 -26.25 -2.52
C SER A 161 -10.30 -25.56 -2.44
N PHE A 162 -11.32 -26.36 -2.17
CA PHE A 162 -12.74 -25.97 -2.10
C PHE A 162 -13.36 -26.59 -0.84
N SER A 163 -14.47 -25.99 -0.43
CA SER A 163 -15.29 -26.59 0.65
C SER A 163 -16.65 -27.01 0.05
N ILE A 164 -17.23 -28.03 0.67
CA ILE A 164 -18.60 -28.48 0.35
C ILE A 164 -19.57 -27.81 1.32
N SER A 165 -20.62 -27.19 0.76
CA SER A 165 -21.77 -26.61 1.52
C SER A 165 -22.65 -27.76 2.00
N TRP A 166 -22.60 -28.01 3.31
CA TRP A 166 -23.38 -29.08 3.98
C TRP A 166 -24.84 -28.95 3.53
N THR A 167 -25.36 -27.73 3.46
CA THR A 167 -26.80 -27.50 3.21
C THR A 167 -27.14 -27.62 1.72
N ARG A 168 -26.16 -27.80 0.84
CA ARG A 168 -26.43 -28.31 -0.53
C ARG A 168 -26.69 -29.83 -0.53
N ILE A 169 -26.19 -30.55 0.46
CA ILE A 169 -26.22 -32.04 0.49
C ILE A 169 -27.38 -32.48 1.38
N TYR A 170 -27.43 -32.01 2.62
CA TYR A 170 -28.57 -32.15 3.54
C TYR A 170 -29.13 -30.76 3.84
N PRO A 171 -30.18 -30.29 3.13
CA PRO A 171 -30.65 -28.92 3.36
C PRO A 171 -31.08 -28.64 4.82
N LEU A 172 -31.33 -29.67 5.63
CA LEU A 172 -31.70 -29.56 7.07
C LEU A 172 -30.58 -30.09 7.95
N GLY A 173 -29.38 -30.29 7.42
CA GLY A 173 -28.27 -30.86 8.22
C GLY A 173 -28.39 -32.36 8.47
N ALA A 174 -29.61 -32.85 8.73
CA ALA A 174 -29.94 -34.29 8.89
C ALA A 174 -31.18 -34.60 8.04
N GLY A 175 -31.51 -35.89 7.88
CA GLY A 175 -32.69 -36.33 7.13
C GLY A 175 -32.37 -36.41 5.65
N TYR A 176 -33.14 -35.71 4.81
CA TYR A 176 -33.21 -35.95 3.36
C TYR A 176 -31.94 -35.38 2.67
N VAL A 177 -31.54 -36.10 1.62
CA VAL A 177 -30.36 -35.83 0.76
C VAL A 177 -30.88 -35.14 -0.51
N ASN A 178 -30.15 -34.12 -0.92
CA ASN A 178 -30.42 -33.28 -2.12
C ASN A 178 -29.49 -33.76 -3.25
N GLU A 179 -29.98 -34.60 -4.13
CA GLU A 179 -29.23 -35.18 -5.27
C GLU A 179 -28.64 -34.06 -6.13
N ALA A 180 -29.37 -32.98 -6.33
CA ALA A 180 -28.93 -31.90 -7.24
C ALA A 180 -27.65 -31.25 -6.67
N GLY A 181 -27.55 -31.18 -5.34
CA GLY A 181 -26.34 -30.71 -4.66
C GLY A 181 -25.17 -31.68 -4.80
N LEU A 182 -25.40 -32.97 -4.64
CA LEU A 182 -24.32 -33.98 -4.83
C LEU A 182 -23.84 -33.86 -6.28
N ALA A 183 -24.75 -33.70 -7.24
CA ALA A 183 -24.44 -33.62 -8.69
C ALA A 183 -23.62 -32.35 -8.99
N HIS A 184 -23.94 -31.23 -8.34
CA HIS A 184 -23.18 -29.97 -8.51
C HIS A 184 -21.69 -30.25 -8.24
N TYR A 185 -21.34 -30.83 -7.09
CA TYR A 185 -19.89 -31.00 -6.77
C TYR A 185 -19.19 -32.03 -7.67
N ASP A 186 -19.89 -33.09 -8.14
CA ASP A 186 -19.36 -34.03 -9.17
C ASP A 186 -18.87 -33.23 -10.39
N ALA A 187 -19.71 -32.35 -10.88
CA ALA A 187 -19.45 -31.53 -12.09
C ALA A 187 -18.30 -30.55 -11.78
N VAL A 188 -18.24 -29.99 -10.56
CA VAL A 188 -17.14 -29.07 -10.16
C VAL A 188 -15.83 -29.83 -10.12
N ILE A 189 -15.82 -30.99 -9.46
CA ILE A 189 -14.60 -31.83 -9.31
C ILE A 189 -14.13 -32.35 -10.69
N HIS A 190 -15.04 -32.69 -11.57
CA HIS A 190 -14.70 -33.15 -12.93
C HIS A 190 -14.08 -31.98 -13.71
N SER A 191 -14.70 -30.80 -13.65
CA SER A 191 -14.19 -29.62 -14.40
C SER A 191 -12.76 -29.34 -13.92
N ALA A 192 -12.53 -29.34 -12.60
CA ALA A 192 -11.21 -29.03 -12.00
C ALA A 192 -10.13 -29.99 -12.54
N LYS A 193 -10.45 -31.27 -12.62
CA LYS A 193 -9.49 -32.30 -13.05
C LYS A 193 -9.20 -32.12 -14.54
N LYS A 194 -10.20 -31.78 -15.36
CA LYS A 194 -10.04 -31.55 -16.82
C LYS A 194 -9.09 -30.39 -17.06
N TYR A 195 -9.14 -29.35 -16.20
CA TYR A 195 -8.23 -28.18 -16.26
C TYR A 195 -6.93 -28.43 -15.46
N GLY A 196 -6.66 -29.68 -15.08
CA GLY A 196 -5.41 -30.10 -14.41
C GLY A 196 -5.23 -29.56 -12.99
N LEU A 197 -6.33 -29.32 -12.27
CA LEU A 197 -6.30 -28.88 -10.86
C LEU A 197 -6.61 -30.09 -9.97
N GLU A 198 -5.67 -30.52 -9.14
CA GLU A 198 -5.91 -31.56 -8.12
C GLU A 198 -6.91 -31.03 -7.09
N PRO A 199 -8.09 -31.68 -6.98
CA PRO A 199 -9.13 -31.19 -6.07
C PRO A 199 -8.89 -31.62 -4.61
N VAL A 200 -8.87 -30.65 -3.70
CA VAL A 200 -8.63 -30.82 -2.23
C VAL A 200 -9.88 -30.33 -1.50
N GLY A 201 -10.54 -31.24 -0.80
CA GLY A 201 -11.92 -31.04 -0.29
C GLY A 201 -11.92 -30.77 1.20
N THR A 202 -12.62 -29.73 1.64
CA THR A 202 -12.95 -29.44 3.06
C THR A 202 -14.43 -29.71 3.30
N VAL A 203 -14.74 -30.52 4.31
CA VAL A 203 -16.11 -31.04 4.54
C VAL A 203 -16.93 -29.89 5.14
N PHE A 204 -16.32 -29.12 6.05
CA PHE A 204 -17.03 -28.06 6.78
C PHE A 204 -16.20 -26.78 6.92
N HIS A 205 -16.66 -25.71 6.27
CA HIS A 205 -16.03 -24.35 6.34
C HIS A 205 -17.07 -23.38 6.92
N TRP A 206 -17.48 -23.63 8.18
CA TRP A 206 -18.22 -22.70 9.09
C TRP A 206 -19.68 -22.52 8.73
N ASP A 207 -20.19 -23.17 7.69
CA ASP A 207 -21.57 -22.90 7.15
C ASP A 207 -22.56 -23.83 7.87
N THR A 208 -22.71 -23.65 9.17
CA THR A 208 -23.61 -24.52 10.00
C THR A 208 -25.04 -24.51 9.45
N PRO A 209 -25.66 -25.70 9.23
CA PRO A 209 -27.07 -25.77 8.87
C PRO A 209 -28.01 -25.05 9.86
N LEU A 210 -28.86 -24.13 9.39
CA LEU A 210 -29.75 -23.37 10.31
C LEU A 210 -30.65 -24.34 11.09
N SER A 211 -31.14 -25.40 10.42
CA SER A 211 -32.11 -26.39 10.98
C SER A 211 -31.53 -27.03 12.25
N LEU A 212 -30.22 -27.40 12.23
CA LEU A 212 -29.59 -28.09 13.39
C LEU A 212 -29.43 -27.05 14.51
N MET A 213 -29.10 -25.81 14.17
CA MET A 213 -29.00 -24.72 15.18
C MET A 213 -30.34 -24.58 15.90
N LEU A 214 -31.46 -24.55 15.18
CA LEU A 214 -32.80 -24.37 15.79
C LEU A 214 -33.22 -25.63 16.54
N LYS A 215 -32.83 -26.83 16.08
CA LYS A 215 -33.40 -28.09 16.64
C LYS A 215 -32.76 -28.36 18.01
N TYR A 216 -31.42 -28.35 18.11
CA TYR A 216 -30.69 -28.70 19.36
C TYR A 216 -29.49 -27.77 19.60
N GLY A 217 -29.25 -26.71 18.80
CA GLY A 217 -28.18 -25.70 19.06
C GLY A 217 -26.88 -26.04 18.33
N ALA A 218 -26.95 -27.03 17.45
CA ALA A 218 -25.87 -27.44 16.53
C ALA A 218 -24.65 -27.81 17.37
N TRP A 219 -23.54 -27.07 17.25
CA TRP A 219 -22.25 -27.39 17.89
C TRP A 219 -22.26 -27.16 19.40
N GLN A 220 -23.30 -26.53 19.97
CA GLN A 220 -23.44 -26.41 21.45
C GLN A 220 -24.23 -27.59 22.03
N ASP A 221 -24.66 -28.56 21.20
CA ASP A 221 -25.38 -29.77 21.62
C ASP A 221 -24.68 -30.41 22.84
N THR A 222 -25.43 -30.57 23.95
CA THR A 222 -24.99 -31.31 25.14
C THR A 222 -25.33 -32.80 24.99
N GLY A 223 -26.04 -33.16 23.92
CA GLY A 223 -26.11 -34.56 23.45
C GLY A 223 -24.96 -34.91 22.53
N ASP A 224 -25.18 -35.87 21.63
CA ASP A 224 -24.17 -36.21 20.59
C ASP A 224 -24.83 -36.32 19.21
N GLN A 225 -26.02 -35.74 19.01
CA GLN A 225 -26.67 -35.74 17.68
C GLN A 225 -25.86 -34.89 16.68
N ILE A 226 -25.19 -33.80 17.11
CA ILE A 226 -24.32 -33.02 16.18
C ILE A 226 -23.23 -33.94 15.61
N VAL A 227 -22.63 -34.81 16.42
CA VAL A 227 -21.56 -35.74 15.96
C VAL A 227 -22.15 -36.73 14.95
N LYS A 228 -23.31 -37.33 15.27
CA LYS A 228 -23.97 -38.28 14.35
C LYS A 228 -24.33 -37.54 13.05
N ASP A 229 -24.88 -36.33 13.12
CA ASP A 229 -25.38 -35.65 11.90
C ASP A 229 -24.19 -35.30 10.99
N PHE A 230 -23.11 -34.72 11.54
CA PHE A 230 -21.84 -34.45 10.81
C PHE A 230 -21.28 -35.74 10.19
N VAL A 231 -21.21 -36.83 10.95
CA VAL A 231 -20.58 -38.09 10.49
C VAL A 231 -21.38 -38.68 9.33
N THR A 232 -22.71 -38.65 9.37
CA THR A 232 -23.57 -39.15 8.24
C THR A 232 -23.27 -38.28 7.00
N TYR A 233 -23.15 -36.97 7.17
CA TYR A 233 -22.83 -35.98 6.09
C TYR A 233 -21.43 -36.27 5.50
N ALA A 234 -20.43 -36.31 6.37
CA ALA A 234 -19.03 -36.58 5.95
C ALA A 234 -18.98 -37.92 5.15
N THR A 235 -19.66 -38.96 5.63
CA THR A 235 -19.76 -40.31 5.01
C THR A 235 -20.32 -40.18 3.59
N THR A 236 -21.40 -39.43 3.38
CA THR A 236 -22.04 -39.23 2.05
C THR A 236 -21.04 -38.60 1.08
N VAL A 237 -20.34 -37.53 1.46
CA VAL A 237 -19.44 -36.80 0.54
C VAL A 237 -18.17 -37.63 0.27
N PHE A 238 -17.66 -38.34 1.27
CA PHE A 238 -16.51 -39.27 1.15
C PHE A 238 -16.88 -40.36 0.12
N LYS A 239 -18.00 -41.05 0.27
CA LYS A 239 -18.38 -42.09 -0.71
C LYS A 239 -18.60 -41.44 -2.09
N ARG A 240 -19.17 -40.24 -2.15
CA ARG A 240 -19.56 -39.63 -3.44
C ARG A 240 -18.30 -39.20 -4.18
N TYR A 241 -17.31 -38.60 -3.52
CA TYR A 241 -16.22 -37.83 -4.20
C TYR A 241 -14.82 -38.45 -4.02
N GLY A 242 -14.63 -39.45 -3.14
CA GLY A 242 -13.27 -39.77 -2.70
C GLY A 242 -12.57 -40.84 -3.52
N ASN A 243 -13.15 -41.37 -4.60
CA ASN A 243 -12.42 -41.66 -5.85
C ASN A 243 -11.75 -40.50 -6.58
N GLU A 244 -12.27 -39.27 -6.54
CA GLU A 244 -11.68 -38.11 -7.30
C GLU A 244 -10.88 -37.21 -6.36
N VAL A 245 -11.27 -37.11 -5.08
CA VAL A 245 -10.59 -36.28 -4.06
C VAL A 245 -9.84 -37.21 -3.11
N LYS A 246 -8.55 -36.94 -2.94
CA LYS A 246 -7.59 -37.80 -2.24
C LYS A 246 -6.90 -37.04 -1.11
N THR A 247 -7.16 -35.74 -0.98
CA THR A 247 -6.74 -34.94 0.19
C THR A 247 -7.99 -34.30 0.75
N TRP A 248 -8.24 -34.52 2.04
CA TRP A 248 -9.46 -34.08 2.75
C TRP A 248 -9.12 -33.35 4.04
N PHE A 249 -9.87 -32.30 4.33
CA PHE A 249 -9.90 -31.65 5.66
C PHE A 249 -11.32 -31.67 6.16
N THR A 250 -11.51 -32.17 7.37
CA THR A 250 -12.81 -32.30 8.04
C THR A 250 -13.32 -30.90 8.30
N PHE A 251 -12.49 -30.09 9.00
CA PHE A 251 -12.87 -28.75 9.51
C PHE A 251 -11.81 -27.72 9.13
N ASN A 252 -12.28 -26.58 8.67
CA ASN A 252 -11.44 -25.39 8.36
C ASN A 252 -11.33 -24.57 9.64
N GLU A 253 -10.15 -24.43 10.22
CA GLU A 253 -9.89 -23.50 11.33
C GLU A 253 -10.94 -23.68 12.43
N PRO A 254 -11.04 -24.87 13.09
CA PRO A 254 -12.11 -25.12 14.04
C PRO A 254 -12.09 -24.18 15.25
N ARG A 255 -10.92 -23.70 15.64
CA ARG A 255 -10.76 -22.75 16.76
C ARG A 255 -11.46 -21.42 16.45
N VAL A 256 -11.32 -20.89 15.23
CA VAL A 256 -11.95 -19.62 14.78
C VAL A 256 -13.47 -19.83 14.72
N PHE A 257 -13.90 -20.92 14.10
CA PHE A 257 -15.33 -21.28 14.02
C PHE A 257 -15.93 -21.36 15.45
N CYS A 258 -15.31 -22.11 16.37
CA CYS A 258 -15.89 -22.26 17.73
C CYS A 258 -15.97 -20.86 18.40
N SER A 259 -15.05 -19.92 18.09
CA SER A 259 -15.06 -18.54 18.66
C SER A 259 -16.32 -17.80 18.30
N GLN A 260 -16.76 -17.90 17.04
CA GLN A 260 -18.01 -17.30 16.52
C GLN A 260 -19.27 -17.85 17.23
N ASN A 261 -19.19 -18.99 17.93
CA ASN A 261 -20.38 -19.64 18.56
C ASN A 261 -20.72 -18.89 19.84
N SER A 262 -19.87 -17.95 20.26
CA SER A 262 -20.07 -17.09 21.47
C SER A 262 -21.10 -15.98 21.20
N GLY A 263 -21.37 -15.65 19.92
CA GLY A 263 -22.23 -14.53 19.47
C GLY A 263 -23.35 -14.96 18.57
N LEU A 264 -23.91 -13.99 17.82
CA LEU A 264 -25.06 -14.20 16.89
C LEU A 264 -24.65 -15.08 15.72
N PRO A 265 -25.54 -15.95 15.18
CA PRO A 265 -26.88 -16.22 15.72
C PRO A 265 -27.02 -17.37 16.73
N TYR A 266 -25.89 -18.00 17.08
CA TYR A 266 -25.79 -19.22 17.93
C TYR A 266 -26.32 -18.94 19.34
N ASN A 267 -26.01 -17.78 19.90
CA ASN A 267 -26.39 -17.35 21.28
C ASN A 267 -27.90 -17.16 21.41
N LEU A 268 -28.67 -17.25 20.33
CA LEU A 268 -30.16 -17.20 20.39
C LEU A 268 -30.74 -18.58 20.75
N THR A 269 -29.97 -19.67 20.63
CA THR A 269 -30.50 -21.06 20.67
C THR A 269 -29.72 -21.97 21.63
N TYR A 270 -28.92 -21.43 22.56
CA TYR A 270 -28.08 -22.24 23.47
C TYR A 270 -28.95 -23.26 24.22
N PRO A 271 -28.55 -24.54 24.34
CA PRO A 271 -29.25 -25.45 25.24
C PRO A 271 -29.04 -25.01 26.70
N GLU A 272 -29.87 -25.55 27.61
CA GLU A 272 -29.76 -25.53 29.09
C GLU A 272 -28.28 -25.67 29.46
N GLY A 273 -27.74 -24.74 30.23
CA GLY A 273 -26.39 -24.89 30.82
C GLY A 273 -25.27 -24.46 29.91
N ILE A 274 -25.52 -24.00 28.69
CA ILE A 274 -24.44 -23.39 27.85
C ILE A 274 -24.56 -21.86 27.92
N ASN A 275 -23.44 -21.20 28.18
CA ASN A 275 -23.11 -19.75 28.17
C ASN A 275 -22.50 -19.31 26.82
N SER A 276 -22.19 -18.03 26.68
CA SER A 276 -21.36 -17.45 25.60
C SER A 276 -19.89 -17.86 25.73
N THR A 277 -19.42 -18.12 26.93
CA THR A 277 -18.03 -18.58 27.23
C THR A 277 -17.94 -20.09 26.99
N SER A 278 -18.81 -20.86 27.61
CA SER A 278 -18.86 -22.34 27.62
C SER A 278 -19.25 -22.87 26.25
N ALA A 279 -20.00 -22.11 25.45
CA ALA A 279 -20.42 -22.48 24.09
C ALA A 279 -19.20 -22.81 23.24
N VAL A 280 -18.13 -22.07 23.46
CA VAL A 280 -16.88 -22.11 22.65
C VAL A 280 -16.27 -23.50 22.88
N PHE A 281 -16.24 -23.92 24.14
CA PHE A 281 -15.52 -25.13 24.60
C PHE A 281 -16.41 -26.36 24.42
N ARG A 282 -17.74 -26.22 24.56
CA ARG A 282 -18.69 -27.26 24.09
C ARG A 282 -18.45 -27.53 22.60
N CYS A 283 -18.38 -26.47 21.76
CA CYS A 283 -18.16 -26.57 20.30
C CYS A 283 -16.81 -27.26 20.03
N THR A 284 -15.77 -26.88 20.78
CA THR A 284 -14.41 -27.44 20.64
C THR A 284 -14.46 -28.96 20.78
N TYR A 285 -15.13 -29.43 21.82
CA TYR A 285 -15.23 -30.86 22.15
C TYR A 285 -16.05 -31.59 21.07
N ASN A 286 -17.22 -31.07 20.72
CA ASN A 286 -18.10 -31.74 19.72
C ASN A 286 -17.37 -31.81 18.36
N VAL A 287 -16.54 -30.81 18.05
CA VAL A 287 -15.82 -30.75 16.74
C VAL A 287 -14.75 -31.84 16.77
N LEU A 288 -14.13 -32.06 17.94
CA LEU A 288 -13.01 -33.01 18.05
C LEU A 288 -13.60 -34.39 17.86
N LYS A 289 -14.78 -34.62 18.39
CA LYS A 289 -15.48 -35.94 18.31
C LYS A 289 -15.90 -36.20 16.87
N ALA A 290 -16.61 -35.24 16.30
CA ALA A 290 -17.00 -35.23 14.87
C ALA A 290 -15.78 -35.62 14.03
N HIS A 291 -14.66 -35.00 14.28
CA HIS A 291 -13.43 -35.16 13.46
C HIS A 291 -12.95 -36.61 13.55
N GLY A 292 -12.81 -37.11 14.77
CA GLY A 292 -12.26 -38.44 15.05
C GLY A 292 -13.12 -39.52 14.44
N HIS A 293 -14.44 -39.43 14.65
CA HIS A 293 -15.43 -40.40 14.11
C HIS A 293 -15.34 -40.34 12.58
N ALA A 294 -15.35 -39.15 12.01
CA ALA A 294 -15.27 -38.94 10.55
C ALA A 294 -13.94 -39.51 10.00
N VAL A 295 -12.81 -39.35 10.68
CA VAL A 295 -11.52 -39.90 10.14
C VAL A 295 -11.55 -41.43 10.15
N LYS A 296 -12.14 -42.01 11.18
CA LYS A 296 -12.29 -43.49 11.26
C LYS A 296 -13.16 -44.00 10.10
N VAL A 297 -14.26 -43.29 9.79
CA VAL A 297 -15.08 -43.64 8.59
C VAL A 297 -14.20 -43.59 7.34
N TYR A 298 -13.40 -42.53 7.20
CA TYR A 298 -12.57 -42.30 5.99
C TYR A 298 -11.59 -43.46 5.81
N ARG A 299 -10.91 -43.88 6.88
CA ARG A 299 -9.87 -44.95 6.81
C ARG A 299 -10.50 -46.30 6.47
N ASP A 300 -11.66 -46.57 7.05
CA ASP A 300 -12.41 -47.81 6.77
C ASP A 300 -12.91 -47.84 5.32
N LEU A 301 -13.42 -46.72 4.79
CA LEU A 301 -13.75 -46.54 3.34
C LEU A 301 -12.55 -46.84 2.45
N VAL A 302 -11.41 -46.28 2.81
CA VAL A 302 -10.15 -46.56 2.07
C VAL A 302 -9.85 -48.06 2.12
N ALA A 303 -9.95 -48.68 3.29
CA ALA A 303 -9.67 -50.11 3.52
C ALA A 303 -10.68 -50.99 2.74
N SER A 304 -11.93 -50.54 2.58
CA SER A 304 -13.00 -51.21 1.78
C SER A 304 -12.67 -51.20 0.27
N GLY A 305 -11.86 -50.25 -0.18
CA GLY A 305 -11.56 -50.02 -1.59
C GLY A 305 -12.70 -49.33 -2.32
N THR A 306 -13.68 -48.75 -1.62
CA THR A 306 -14.82 -48.13 -2.34
C THR A 306 -14.47 -46.66 -2.63
N ILE A 307 -13.41 -46.11 -2.03
CA ILE A 307 -12.81 -44.81 -2.44
C ILE A 307 -11.31 -45.03 -2.62
N ALA A 308 -10.62 -44.06 -3.25
CA ALA A 308 -9.15 -44.05 -3.45
C ALA A 308 -8.47 -43.85 -2.09
N ALA A 309 -7.33 -44.50 -1.90
CA ALA A 309 -6.48 -44.33 -0.69
C ALA A 309 -6.01 -42.88 -0.67
N GLY A 310 -6.45 -42.09 0.29
CA GLY A 310 -5.97 -40.70 0.41
C GLY A 310 -5.63 -40.36 1.83
N GLU A 311 -5.71 -39.09 2.12
CA GLU A 311 -5.14 -38.51 3.36
C GLU A 311 -6.16 -37.53 3.88
N ILE A 312 -6.33 -37.52 5.18
CA ILE A 312 -7.32 -36.63 5.83
C ILE A 312 -6.68 -35.97 7.05
N GLY A 313 -7.00 -34.71 7.24
CA GLY A 313 -6.63 -33.96 8.45
C GLY A 313 -7.63 -32.88 8.74
N PHE A 314 -7.18 -31.78 9.33
CA PHE A 314 -7.99 -30.55 9.47
C PHE A 314 -7.04 -29.36 9.39
N LYS A 315 -7.57 -28.18 9.05
CA LYS A 315 -6.76 -26.96 8.84
C LYS A 315 -6.66 -26.27 10.21
N SER A 316 -5.46 -26.22 10.76
CA SER A 316 -5.14 -25.39 11.95
C SER A 316 -4.94 -23.97 11.46
N ASP A 317 -4.99 -23.00 12.36
CA ASP A 317 -4.64 -21.61 11.99
C ASP A 317 -3.78 -21.02 13.09
N ASP A 318 -3.44 -19.74 13.00
CA ASP A 318 -2.80 -18.92 14.06
C ASP A 318 -1.34 -19.36 14.17
N ASN A 319 -0.68 -19.05 15.27
CA ASN A 319 0.78 -19.18 15.31
C ASN A 319 1.22 -19.43 16.75
N TYR A 320 2.48 -19.82 16.92
CA TYR A 320 3.21 -19.66 18.21
C TYR A 320 3.89 -18.29 18.22
N PRO A 321 3.38 -17.26 18.94
CA PRO A 321 4.01 -15.94 18.92
C PRO A 321 5.36 -15.88 19.61
N ILE A 322 6.12 -14.87 19.21
CA ILE A 322 7.43 -14.57 19.80
C ILE A 322 7.15 -13.75 21.03
N PRO A 323 7.77 -14.04 22.20
CA PRO A 323 7.56 -13.22 23.39
C PRO A 323 8.12 -11.82 23.10
N ALA A 324 7.43 -10.80 23.61
CA ALA A 324 7.78 -9.37 23.46
C ALA A 324 9.18 -9.14 24.00
N ARG A 325 9.48 -9.70 25.17
CA ARG A 325 10.76 -9.58 25.86
C ARG A 325 11.27 -10.99 26.05
N PRO A 326 12.06 -11.54 25.10
CA PRO A 326 12.51 -12.93 25.24
C PRO A 326 13.29 -13.13 26.55
N GLY A 327 13.02 -14.26 27.20
CA GLY A 327 13.61 -14.64 28.49
C GLY A 327 12.83 -14.08 29.66
N ASN A 328 11.87 -13.18 29.41
CA ASN A 328 10.89 -12.76 30.43
C ASN A 328 9.88 -13.90 30.56
N ALA A 329 9.79 -14.51 31.74
CA ALA A 329 8.93 -15.68 32.02
C ALA A 329 7.45 -15.39 31.69
N ASP A 330 6.97 -14.18 32.03
CA ASP A 330 5.55 -13.78 31.80
C ASP A 330 5.23 -13.79 30.29
N ASP A 331 6.05 -13.18 29.44
CA ASP A 331 5.80 -13.15 27.97
C ASP A 331 6.02 -14.57 27.41
N GLU A 332 6.98 -15.30 27.95
CA GLU A 332 7.24 -16.70 27.53
C GLU A 332 5.99 -17.53 27.86
N GLU A 333 5.43 -17.35 29.06
CA GLU A 333 4.18 -18.04 29.46
C GLU A 333 3.01 -17.62 28.55
N SER A 334 2.82 -16.32 28.32
CA SER A 334 1.64 -15.80 27.56
C SER A 334 1.71 -16.31 26.10
N ALA A 335 2.92 -16.39 25.53
CA ALA A 335 3.15 -16.96 24.19
C ALA A 335 2.71 -18.42 24.17
N LYS A 336 3.08 -19.20 25.19
CA LYS A 336 2.73 -20.64 25.26
C LYS A 336 1.20 -20.71 25.43
N ARG A 337 0.60 -19.86 26.26
CA ARG A 337 -0.89 -19.90 26.45
C ARG A 337 -1.55 -19.63 25.10
N HIS A 338 -1.03 -18.67 24.31
CA HIS A 338 -1.57 -18.36 22.95
C HIS A 338 -1.51 -19.66 22.12
N GLU A 339 -0.40 -20.35 22.08
CA GLU A 339 -0.27 -21.52 21.18
C GLU A 339 -1.27 -22.60 21.64
N ALA A 340 -1.36 -22.85 22.95
CA ALA A 340 -2.20 -23.89 23.57
C ALA A 340 -3.68 -23.67 23.20
N PHE A 341 -4.20 -22.46 23.39
CA PHE A 341 -5.62 -22.13 23.11
C PHE A 341 -5.88 -21.87 21.61
N ARG A 342 -4.92 -21.46 20.78
CA ARG A 342 -5.25 -21.18 19.35
C ARG A 342 -4.98 -22.36 18.44
N ILE A 343 -4.02 -23.24 18.81
CA ILE A 343 -3.59 -24.42 18.00
C ILE A 343 -3.69 -25.72 18.84
N GLY A 344 -3.13 -25.70 20.06
CA GLY A 344 -2.91 -26.90 20.89
C GLY A 344 -4.20 -27.61 21.27
N ILE A 345 -5.25 -26.85 21.48
CA ILE A 345 -6.53 -27.38 22.00
C ILE A 345 -7.11 -28.40 21.00
N PHE A 346 -6.87 -28.26 19.69
CA PHE A 346 -7.29 -29.22 18.65
C PHE A 346 -6.14 -30.18 18.28
N ALA A 347 -4.91 -29.68 18.16
CA ALA A 347 -3.78 -30.44 17.55
C ALA A 347 -3.15 -31.41 18.54
N GLN A 348 -3.13 -31.11 19.85
CA GLN A 348 -2.52 -32.03 20.83
C GLN A 348 -3.36 -33.31 20.92
N PRO A 349 -4.70 -33.25 21.00
CA PRO A 349 -5.50 -34.46 21.00
C PRO A 349 -5.30 -35.33 19.75
N VAL A 350 -5.07 -34.67 18.61
CA VAL A 350 -5.05 -35.35 17.29
C VAL A 350 -3.62 -35.80 16.99
N TYR A 351 -2.65 -34.89 17.03
CA TYR A 351 -1.27 -35.17 16.54
C TYR A 351 -0.30 -35.37 17.70
N GLY A 352 -0.74 -35.15 18.94
CA GLY A 352 0.11 -35.18 20.15
C GLY A 352 -0.23 -36.33 21.05
N ASN A 353 -0.19 -36.13 22.36
CA ASN A 353 -0.33 -37.21 23.38
C ASN A 353 -1.81 -37.63 23.54
N GLY A 354 -2.73 -37.02 22.77
CA GLY A 354 -4.14 -37.39 22.73
C GLY A 354 -5.00 -36.68 23.77
N ASP A 355 -4.49 -35.69 24.50
CA ASP A 355 -5.24 -34.91 25.50
C ASP A 355 -5.12 -33.41 25.21
N TYR A 356 -6.00 -32.61 25.80
CA TYR A 356 -5.92 -31.14 25.70
C TYR A 356 -4.63 -30.66 26.37
N PRO A 357 -4.03 -29.50 25.97
CA PRO A 357 -2.91 -28.92 26.71
C PRO A 357 -3.26 -28.75 28.20
N ASP A 358 -2.31 -29.01 29.08
CA ASP A 358 -2.56 -28.87 30.54
C ASP A 358 -2.93 -27.42 30.88
N VAL A 359 -2.35 -26.42 30.20
CA VAL A 359 -2.68 -24.98 30.46
C VAL A 359 -4.16 -24.73 30.18
N VAL A 360 -4.72 -25.36 29.14
CA VAL A 360 -6.15 -25.17 28.76
C VAL A 360 -7.07 -25.80 29.83
N LYS A 361 -6.80 -27.03 30.25
CA LYS A 361 -7.64 -27.73 31.27
C LYS A 361 -7.69 -26.94 32.59
N GLU A 362 -6.52 -26.50 33.06
CA GLU A 362 -6.35 -25.82 34.37
C GLU A 362 -7.08 -24.47 34.34
N THR A 363 -7.35 -23.91 33.19
CA THR A 363 -7.99 -22.58 33.04
C THR A 363 -9.52 -22.71 32.87
N VAL A 364 -10.02 -23.54 31.98
CA VAL A 364 -11.47 -23.55 31.59
C VAL A 364 -12.28 -24.57 32.41
N GLY A 365 -11.65 -25.59 33.02
CA GLY A 365 -12.35 -26.57 33.90
C GLY A 365 -13.47 -27.30 33.17
N ASP A 366 -14.63 -27.49 33.81
CA ASP A 366 -15.77 -28.31 33.32
C ASP A 366 -16.49 -27.67 32.13
N MET A 367 -16.11 -26.50 31.62
CA MET A 367 -16.78 -25.93 30.41
C MET A 367 -16.35 -26.75 29.21
N LEU A 368 -15.19 -27.38 29.32
CA LEU A 368 -14.58 -28.20 28.24
C LEU A 368 -14.72 -29.66 28.66
N PRO A 369 -15.69 -30.40 28.12
CA PRO A 369 -15.84 -31.82 28.44
C PRO A 369 -14.55 -32.64 28.26
N ALA A 370 -14.24 -33.40 29.31
CA ALA A 370 -13.14 -34.37 29.42
C ALA A 370 -13.19 -35.33 28.24
N LEU A 371 -12.04 -35.62 27.63
CA LEU A 371 -11.92 -36.70 26.62
C LEU A 371 -11.87 -38.05 27.36
N THR A 372 -12.83 -38.94 27.07
CA THR A 372 -12.86 -40.34 27.57
C THR A 372 -11.82 -41.20 26.82
N ASP A 373 -11.51 -42.41 27.34
CA ASP A 373 -10.65 -43.43 26.67
C ASP A 373 -11.20 -43.64 25.26
N GLU A 374 -12.54 -43.75 25.15
CA GLU A 374 -13.24 -43.99 23.87
C GLU A 374 -13.04 -42.79 22.93
N ASP A 375 -13.23 -41.56 23.41
CA ASP A 375 -12.96 -40.36 22.57
C ASP A 375 -11.52 -40.44 22.07
N LYS A 376 -10.56 -40.70 22.95
CA LYS A 376 -9.12 -40.72 22.60
C LYS A 376 -8.85 -41.83 21.57
N GLY A 377 -9.60 -42.96 21.68
CA GLY A 377 -9.63 -44.05 20.70
C GLY A 377 -9.84 -43.57 19.27
N TYR A 378 -10.71 -42.60 19.04
CA TYR A 378 -10.99 -42.08 17.68
C TYR A 378 -10.11 -40.87 17.37
N ILE A 379 -9.86 -40.00 18.34
CA ILE A 379 -9.25 -38.66 18.11
C ILE A 379 -7.73 -38.81 18.00
N LYS A 380 -7.09 -39.53 18.92
CA LYS A 380 -5.62 -39.68 18.93
C LYS A 380 -5.18 -40.39 17.64
N GLY A 381 -4.26 -39.77 16.90
CA GLY A 381 -3.74 -40.33 15.65
C GLY A 381 -4.68 -40.10 14.48
N SER A 382 -5.61 -39.15 14.55
CA SER A 382 -6.65 -38.97 13.50
C SER A 382 -6.27 -37.89 12.47
N GLY A 383 -4.98 -37.55 12.36
CA GLY A 383 -4.45 -36.64 11.30
C GLY A 383 -3.39 -37.30 10.44
N ASP A 384 -3.66 -37.68 9.17
CA ASP A 384 -2.60 -38.21 8.26
C ASP A 384 -1.63 -37.09 7.87
N ILE A 385 -2.15 -35.85 7.82
CA ILE A 385 -1.46 -34.62 7.35
C ILE A 385 -1.78 -33.50 8.35
N PHE A 386 -0.85 -32.59 8.57
CA PHE A 386 -1.08 -31.29 9.26
C PHE A 386 -1.31 -30.24 8.18
N ALA A 387 -2.15 -29.25 8.48
CA ALA A 387 -2.42 -28.08 7.60
C ALA A 387 -2.49 -26.80 8.46
N ILE A 388 -1.63 -25.84 8.16
CA ILE A 388 -1.59 -24.54 8.89
C ILE A 388 -2.00 -23.40 7.94
N ASP A 389 -3.03 -22.62 8.30
CA ASP A 389 -3.33 -21.30 7.68
C ASP A 389 -2.36 -20.27 8.25
N GLY A 390 -1.11 -20.30 7.77
CA GLY A 390 0.03 -19.55 8.35
C GLY A 390 0.15 -18.13 7.77
N TYR A 391 -0.88 -17.34 7.90
CA TYR A 391 -0.88 -15.94 7.42
C TYR A 391 0.25 -15.12 8.06
N ARG A 392 0.52 -15.33 9.34
CA ARG A 392 1.48 -14.48 10.06
C ARG A 392 1.81 -15.02 11.43
N THR A 393 2.74 -14.30 12.09
CA THR A 393 3.28 -14.53 13.45
C THR A 393 2.89 -13.26 14.19
N ASP A 394 2.38 -13.41 15.42
CA ASP A 394 2.32 -12.34 16.40
C ASP A 394 3.48 -12.22 17.40
N ILE A 395 3.42 -11.14 18.19
CA ILE A 395 4.22 -10.87 19.41
C ILE A 395 3.34 -11.02 20.65
N SER A 396 3.81 -11.67 21.71
CA SER A 396 3.05 -11.90 22.95
C SER A 396 3.60 -11.07 24.12
N HIS A 397 2.88 -10.02 24.48
CA HIS A 397 3.06 -9.23 25.72
C HIS A 397 2.16 -9.82 26.82
N ALA A 398 2.70 -10.27 27.94
CA ALA A 398 1.89 -10.69 29.10
C ALA A 398 0.88 -9.57 29.47
N ALA A 399 -0.34 -9.93 29.86
CA ALA A 399 -1.36 -8.99 30.40
C ALA A 399 -0.69 -8.00 31.36
N LEU A 400 -0.96 -6.70 31.18
CA LEU A 400 -0.29 -5.60 31.91
C LEU A 400 -0.72 -5.56 33.35
N ASN A 401 -1.95 -6.04 33.62
CA ASN A 401 -2.54 -6.17 34.98
C ASN A 401 -1.97 -7.42 35.66
N GLY A 402 -1.15 -8.24 34.98
CA GLY A 402 -0.46 -9.41 35.57
C GLY A 402 -1.06 -10.69 35.04
N ILE A 403 -0.25 -11.58 34.47
CA ILE A 403 -0.74 -12.85 33.86
C ILE A 403 -1.58 -13.62 34.88
N ALA A 404 -1.12 -13.74 36.13
CA ALA A 404 -1.78 -14.48 37.25
C ALA A 404 -3.19 -13.93 37.53
N ASN A 405 -3.34 -12.60 37.64
CA ASN A 405 -4.64 -11.92 37.90
C ASN A 405 -5.61 -12.21 36.75
N CYS A 406 -5.14 -12.10 35.49
CA CYS A 406 -5.96 -12.33 34.27
C CYS A 406 -6.49 -13.78 34.25
N ILE A 407 -5.64 -14.77 34.51
CA ILE A 407 -6.03 -16.20 34.38
C ILE A 407 -7.23 -16.42 35.31
N ARG A 408 -7.17 -15.87 36.53
CA ARG A 408 -8.16 -16.22 37.59
C ARG A 408 -9.47 -15.44 37.42
N ASN A 409 -9.71 -14.75 36.31
CA ASN A 409 -10.91 -13.87 36.16
C ASN A 409 -11.91 -14.66 35.30
N GLN A 410 -12.16 -14.23 34.06
CA GLN A 410 -13.07 -14.88 33.08
C GLN A 410 -13.79 -13.72 32.39
N SER A 411 -14.03 -12.67 33.16
CA SER A 411 -14.57 -11.38 32.64
C SER A 411 -13.43 -10.54 32.06
N ASP A 412 -12.17 -10.80 32.44
CA ASP A 412 -10.99 -10.06 31.91
C ASP A 412 -11.07 -10.15 30.39
N PRO A 413 -11.06 -9.00 29.67
CA PRO A 413 -11.11 -8.98 28.20
C PRO A 413 -9.99 -9.80 27.50
N ASN A 414 -8.87 -10.02 28.19
CA ASN A 414 -7.72 -10.79 27.65
C ASN A 414 -7.80 -12.29 28.01
N TRP A 415 -8.81 -12.70 28.79
CA TRP A 415 -9.03 -14.13 29.17
C TRP A 415 -9.49 -14.88 27.92
N PRO A 416 -9.09 -16.15 27.72
CA PRO A 416 -8.22 -16.89 28.65
C PRO A 416 -6.69 -16.93 28.39
N VAL A 417 -6.25 -16.41 27.25
CA VAL A 417 -4.81 -16.46 26.89
C VAL A 417 -4.03 -15.58 27.87
N CYS A 418 -4.55 -14.39 28.17
CA CYS A 418 -3.99 -13.49 29.18
C CYS A 418 -2.67 -12.88 28.69
N GLU A 419 -2.58 -12.63 27.38
CA GLU A 419 -1.68 -11.62 26.74
C GLU A 419 -2.49 -10.36 26.38
N GLU A 420 -1.81 -9.29 26.01
CA GLU A 420 -2.50 -8.09 25.48
C GLU A 420 -2.92 -8.39 24.04
N GLY A 421 -4.24 -8.59 23.79
CA GLY A 421 -4.73 -9.08 22.49
C GLY A 421 -4.72 -8.01 21.40
N SER A 422 -4.82 -6.74 21.74
CA SER A 422 -5.04 -5.66 20.73
C SER A 422 -3.77 -5.38 19.90
N ASP A 423 -4.01 -4.74 18.73
CA ASP A 423 -3.04 -4.37 17.66
C ASP A 423 -1.78 -3.64 18.19
N PRO A 424 -1.84 -2.59 19.04
CA PRO A 424 -0.60 -1.97 19.50
C PRO A 424 0.32 -2.90 20.32
N PHE A 425 -0.12 -4.15 20.64
CA PHE A 425 0.69 -5.13 21.44
C PHE A 425 1.02 -6.34 20.58
N ALA A 426 0.04 -6.93 19.91
CA ALA A 426 0.21 -8.20 19.17
C ALA A 426 1.18 -8.02 17.98
N HIS A 427 1.45 -6.79 17.51
CA HIS A 427 2.23 -6.60 16.27
C HIS A 427 3.48 -5.77 16.51
N VAL A 428 3.77 -5.42 17.76
CA VAL A 428 4.78 -4.36 18.05
C VAL A 428 5.80 -4.91 19.06
N TYR A 429 7.08 -4.64 18.80
CA TYR A 429 8.20 -4.84 19.75
C TYR A 429 8.14 -3.77 20.81
N PRO A 430 8.71 -4.04 22.00
CA PRO A 430 8.98 -3.00 22.99
C PRO A 430 9.73 -1.79 22.43
N SER A 431 10.54 -1.97 21.39
CA SER A 431 11.19 -0.87 20.63
C SER A 431 10.16 0.19 20.16
N GLY A 432 8.93 -0.25 19.81
CA GLY A 432 7.90 0.62 19.19
C GLY A 432 7.74 0.34 17.69
N PHE A 433 8.65 -0.41 17.08
CA PHE A 433 8.58 -0.79 15.64
C PHE A 433 7.82 -2.11 15.45
N ALA A 434 7.07 -2.24 14.35
CA ALA A 434 6.24 -3.43 14.07
C ALA A 434 7.13 -4.65 13.77
N ILE A 435 6.51 -5.84 13.78
CA ILE A 435 7.14 -7.13 13.38
C ILE A 435 7.30 -7.15 11.85
N GLY A 436 6.43 -6.46 11.10
CA GLY A 436 6.55 -6.28 9.65
C GLY A 436 5.49 -5.36 9.12
N GLN A 437 5.45 -5.28 7.79
CA GLN A 437 4.44 -4.53 7.00
C GLN A 437 3.03 -4.89 7.50
N SER A 438 2.19 -3.91 7.85
CA SER A 438 0.73 -4.11 8.10
C SER A 438 -0.10 -4.10 6.82
N ALA A 439 -1.14 -4.92 6.79
CA ALA A 439 -2.25 -4.93 5.80
C ALA A 439 -3.18 -3.79 6.18
N ASP A 440 -4.25 -3.53 5.45
CA ASP A 440 -5.25 -2.46 5.77
C ASP A 440 -5.75 -2.56 7.19
N PRO A 441 -6.08 -1.42 7.86
CA PRO A 441 -6.62 -1.43 9.21
C PRO A 441 -7.83 -2.38 9.39
N LEU A 442 -8.66 -2.57 8.37
CA LEU A 442 -9.84 -3.48 8.43
C LEU A 442 -9.39 -4.93 8.70
N SER A 443 -8.15 -5.28 8.34
CA SER A 443 -7.55 -6.63 8.43
C SER A 443 -6.22 -6.54 9.18
N SER A 444 -6.19 -5.68 10.20
CA SER A 444 -4.97 -5.29 10.95
C SER A 444 -4.42 -6.50 11.72
N TRP A 445 -5.15 -7.63 11.83
CA TRP A 445 -4.57 -8.89 12.38
C TRP A 445 -3.46 -9.38 11.44
N LEU A 446 -3.50 -8.97 10.16
CA LEU A 446 -2.58 -9.48 9.11
C LEU A 446 -1.33 -8.61 8.99
N VAL A 447 -0.14 -9.24 9.14
CA VAL A 447 1.19 -8.62 8.86
C VAL A 447 1.93 -9.53 7.88
N ASN A 448 2.88 -8.96 7.12
CA ASN A 448 3.91 -9.74 6.37
C ASN A 448 5.02 -10.09 7.35
N SER A 449 4.98 -11.33 7.85
CA SER A 449 5.96 -11.83 8.85
C SER A 449 6.73 -13.06 8.28
N ALA A 450 7.20 -12.95 7.04
CA ALA A 450 7.84 -14.06 6.28
C ALA A 450 9.06 -14.62 7.02
N PRO A 451 9.90 -13.77 7.64
CA PRO A 451 11.05 -14.26 8.40
C PRO A 451 10.72 -15.28 9.50
N PHE A 452 9.49 -15.32 9.99
CA PHE A 452 9.14 -16.18 11.13
C PHE A 452 8.57 -17.50 10.61
N ILE A 453 8.48 -17.68 9.31
CA ILE A 453 7.73 -18.85 8.75
C ILE A 453 8.47 -20.16 9.09
N ARG A 454 9.79 -20.19 8.91
CA ARG A 454 10.59 -21.40 9.09
C ARG A 454 10.45 -21.83 10.56
N ASP A 455 10.52 -20.91 11.52
CA ASP A 455 10.34 -21.20 12.98
C ASP A 455 8.96 -21.85 13.23
N GLN A 456 7.92 -21.37 12.55
CA GLN A 456 6.53 -21.87 12.72
C GLN A 456 6.48 -23.33 12.25
N LEU A 457 7.00 -23.61 11.06
CA LEU A 457 6.98 -24.97 10.45
C LEU A 457 7.81 -25.91 11.31
N LYS A 458 8.93 -25.44 11.83
CA LYS A 458 9.83 -26.23 12.72
C LYS A 458 9.03 -26.65 13.97
N PHE A 459 8.39 -25.69 14.64
CA PHE A 459 7.57 -25.92 15.85
C PHE A 459 6.44 -26.88 15.50
N LEU A 460 5.71 -26.64 14.40
CA LEU A 460 4.52 -27.50 14.11
C LEU A 460 4.94 -28.94 13.77
N THR A 461 5.93 -29.18 12.95
CA THR A 461 6.30 -30.56 12.53
C THR A 461 6.89 -31.30 13.73
N GLN A 462 7.56 -30.62 14.65
CA GLN A 462 8.22 -31.29 15.81
C GLN A 462 7.16 -31.58 16.88
N THR A 463 6.23 -30.64 17.11
CA THR A 463 5.24 -30.72 18.21
C THR A 463 4.05 -31.59 17.76
N TYR A 464 3.65 -31.54 16.47
CA TYR A 464 2.40 -32.12 15.93
C TYR A 464 2.73 -32.95 14.69
N PRO A 465 3.55 -34.01 14.80
CA PRO A 465 4.11 -34.69 13.64
C PRO A 465 2.98 -35.48 12.99
N ALA A 466 2.95 -35.45 11.66
CA ALA A 466 2.00 -36.22 10.86
C ALA A 466 2.83 -37.01 9.83
N LYS A 467 2.44 -38.24 9.57
CA LYS A 467 3.10 -39.18 8.60
C LYS A 467 3.20 -38.56 7.19
N GLY A 468 2.14 -37.89 6.72
CA GLY A 468 2.07 -37.27 5.38
C GLY A 468 2.65 -35.87 5.33
N GLY A 469 3.13 -35.33 6.46
CA GLY A 469 3.76 -34.00 6.47
C GLY A 469 2.71 -32.90 6.63
N ILE A 470 2.98 -31.73 6.07
CA ILE A 470 2.32 -30.44 6.44
C ILE A 470 2.06 -29.63 5.15
N TYR A 471 0.87 -29.04 5.09
CA TYR A 471 0.37 -28.12 4.04
C TYR A 471 0.46 -26.70 4.61
N PHE A 472 0.92 -25.73 3.80
CA PHE A 472 0.59 -24.29 4.04
C PHE A 472 -0.76 -24.06 3.35
N SER A 473 -1.85 -24.27 4.06
CA SER A 473 -3.18 -24.52 3.45
C SER A 473 -3.88 -23.18 3.12
N GLU A 474 -3.40 -22.08 3.70
CA GLU A 474 -3.91 -20.72 3.44
C GLU A 474 -2.86 -19.69 3.84
N PHE A 475 -2.63 -18.69 2.96
CA PHE A 475 -1.85 -17.46 3.18
C PHE A 475 -2.27 -16.49 2.08
N GLY A 476 -2.37 -15.21 2.40
CA GLY A 476 -2.66 -14.18 1.37
C GLY A 476 -2.66 -12.80 1.99
N TRP A 477 -2.91 -11.78 1.17
CA TRP A 477 -2.87 -10.36 1.55
C TRP A 477 -4.19 -9.67 1.26
N ALA A 478 -4.66 -8.85 2.21
CA ALA A 478 -5.76 -7.89 2.03
C ALA A 478 -5.16 -6.53 1.68
N GLU A 479 -5.15 -6.11 0.39
CA GLU A 479 -4.24 -5.06 -0.17
C GLU A 479 -4.83 -3.70 0.17
N ASP A 480 -3.91 -2.78 0.49
CA ASP A 480 -4.14 -1.47 1.15
C ASP A 480 -5.17 -0.64 0.41
N ALA A 481 -6.45 -0.81 0.73
CA ALA A 481 -7.60 0.05 0.34
C ALA A 481 -7.79 0.11 -1.19
N GLU A 482 -7.53 -1.01 -1.88
CA GLU A 482 -7.80 -1.18 -3.35
C GLU A 482 -9.32 -1.17 -3.63
N TYR A 483 -10.18 -1.34 -2.61
CA TYR A 483 -11.66 -1.54 -2.67
C TYR A 483 -12.42 -0.31 -3.20
N ASP A 484 -13.24 -0.57 -4.24
CA ASP A 484 -14.35 0.25 -4.85
C ASP A 484 -14.04 1.76 -4.66
N ARG A 485 -12.77 2.14 -4.90
CA ARG A 485 -12.15 3.49 -4.73
C ARG A 485 -11.36 3.87 -6.01
N GLN A 486 -11.05 2.88 -6.87
CA GLN A 486 -9.94 2.97 -7.87
C GLN A 486 -10.42 2.72 -9.32
N LEU A 487 -9.49 2.95 -10.28
CA LEU A 487 -9.55 2.47 -11.68
C LEU A 487 -8.76 1.16 -11.77
N LEU A 488 -9.03 0.31 -12.76
CA LEU A 488 -8.47 -1.07 -12.89
C LEU A 488 -6.92 -1.09 -12.95
N TYR A 489 -6.23 -0.16 -13.65
CA TYR A 489 -4.73 -0.12 -13.70
C TYR A 489 -4.15 0.04 -12.28
N GLN A 490 -4.84 0.76 -11.39
CA GLN A 490 -4.40 1.05 -10.01
C GLN A 490 -4.56 -0.22 -9.19
N ILE A 491 -5.66 -0.92 -9.37
CA ILE A 491 -5.96 -2.19 -8.68
C ILE A 491 -4.94 -3.26 -9.10
N THR A 492 -4.69 -3.43 -10.41
CA THR A 492 -4.00 -4.66 -10.90
C THR A 492 -2.51 -4.62 -10.57
N TRP A 493 -1.88 -3.46 -10.33
CA TRP A 493 -0.45 -3.41 -9.86
C TRP A 493 -0.42 -3.38 -8.32
N ASP A 494 -0.61 -4.55 -7.72
CA ASP A 494 -0.76 -4.79 -6.26
C ASP A 494 0.59 -5.20 -5.70
N GLY A 495 1.50 -4.23 -5.58
CA GLY A 495 2.85 -4.44 -5.05
C GLY A 495 2.94 -5.17 -3.70
N LEU A 496 2.13 -4.89 -2.69
CA LEU A 496 2.32 -5.48 -1.32
C LEU A 496 1.75 -6.89 -1.30
N ARG A 497 0.66 -7.16 -2.01
CA ARG A 497 0.22 -8.54 -2.21
C ARG A 497 1.35 -9.32 -2.91
N THR A 498 1.86 -8.80 -4.01
CA THR A 498 2.90 -9.48 -4.82
C THR A 498 4.14 -9.79 -3.93
N GLN A 499 4.57 -8.80 -3.16
CA GLN A 499 5.69 -8.88 -2.21
C GLN A 499 5.41 -10.01 -1.20
N TYR A 500 4.25 -9.97 -0.52
CA TYR A 500 3.86 -10.95 0.52
C TYR A 500 3.90 -12.37 -0.09
N LEU A 501 3.27 -12.57 -1.22
CA LEU A 501 3.19 -13.94 -1.80
C LEU A 501 4.60 -14.42 -2.22
N THR A 502 5.44 -13.57 -2.78
CA THR A 502 6.81 -13.97 -3.17
C THR A 502 7.64 -14.23 -1.92
N ASP A 503 7.53 -13.35 -0.90
CA ASP A 503 8.18 -13.50 0.44
C ASP A 503 7.85 -14.91 0.90
N TYR A 504 6.57 -15.27 0.88
CA TYR A 504 6.05 -16.33 1.71
C TYR A 504 6.42 -17.61 0.92
N LEU A 505 6.31 -17.57 -0.41
CA LEU A 505 6.70 -18.75 -1.25
C LEU A 505 8.20 -19.00 -1.10
N SER A 506 9.01 -17.95 -1.09
CA SER A 506 10.50 -18.03 -0.95
C SER A 506 10.87 -18.79 0.33
N GLN A 507 10.24 -18.44 1.46
CA GLN A 507 10.53 -19.00 2.79
C GLN A 507 10.04 -20.46 2.85
N LEU A 508 8.91 -20.82 2.20
CA LEU A 508 8.41 -22.21 2.16
C LEU A 508 9.44 -23.06 1.40
N LEU A 509 10.00 -22.51 0.31
CA LEU A 509 10.97 -23.23 -0.52
C LEU A 509 12.18 -23.51 0.36
N LEU A 510 12.64 -22.51 1.12
CA LEU A 510 13.85 -22.59 1.98
C LEU A 510 13.60 -23.56 3.15
N ALA A 511 12.39 -23.64 3.67
CA ALA A 511 11.99 -24.57 4.75
C ALA A 511 12.17 -26.00 4.23
N VAL A 512 11.81 -26.24 2.96
CA VAL A 512 12.01 -27.58 2.37
C VAL A 512 13.50 -27.86 2.32
N HIS A 513 14.34 -26.91 1.88
CA HIS A 513 15.77 -27.21 1.64
C HIS A 513 16.50 -27.16 2.98
N LYS A 514 16.46 -26.00 3.66
CA LYS A 514 17.30 -25.72 4.84
C LYS A 514 16.83 -26.51 6.07
N ASP A 515 15.53 -26.77 6.24
CA ASP A 515 15.02 -27.40 7.49
C ASP A 515 14.50 -28.82 7.22
N GLY A 516 14.48 -29.26 5.96
CA GLY A 516 13.97 -30.61 5.65
C GLY A 516 12.49 -30.77 5.98
N ILE A 517 11.70 -29.70 5.85
CA ILE A 517 10.23 -29.78 6.12
C ILE A 517 9.57 -30.59 5.01
N ASN A 518 8.77 -31.59 5.40
CA ASN A 518 8.00 -32.43 4.43
C ASN A 518 6.81 -31.57 3.99
N LEU A 519 7.05 -30.47 3.27
CA LEU A 519 5.97 -29.50 2.91
C LEU A 519 5.30 -30.03 1.64
N ARG A 520 4.01 -30.32 1.71
CA ARG A 520 3.27 -31.02 0.64
C ARG A 520 2.68 -29.99 -0.34
N GLY A 521 2.54 -28.73 0.08
CA GLY A 521 1.79 -27.77 -0.74
C GLY A 521 1.77 -26.36 -0.17
N ALA A 522 1.34 -25.45 -1.01
CA ALA A 522 1.16 -24.03 -0.68
C ALA A 522 -0.11 -23.57 -1.43
N LEU A 523 -1.15 -23.20 -0.69
CA LEU A 523 -2.49 -22.88 -1.23
C LEU A 523 -2.76 -21.44 -0.82
N THR A 524 -2.80 -20.51 -1.78
CA THR A 524 -3.00 -19.08 -1.45
C THR A 524 -4.50 -18.82 -1.32
N TRP A 525 -4.88 -18.07 -0.29
CA TRP A 525 -6.22 -17.46 -0.13
C TRP A 525 -6.16 -16.03 -0.63
N SER A 526 -6.82 -15.71 -1.76
CA SER A 526 -7.65 -16.62 -2.54
C SER A 526 -7.44 -16.31 -4.02
N PHE A 527 -8.15 -17.02 -4.90
CA PHE A 527 -7.99 -16.84 -6.36
C PHE A 527 -8.89 -15.69 -6.85
N VAL A 528 -9.84 -15.24 -6.00
CA VAL A 528 -10.78 -14.12 -6.29
C VAL A 528 -11.02 -13.29 -5.02
N ASP A 529 -11.16 -11.98 -5.17
CA ASP A 529 -11.84 -11.15 -4.14
C ASP A 529 -13.19 -11.82 -3.84
N ASN A 530 -13.48 -12.10 -2.57
CA ASN A 530 -14.72 -12.86 -2.25
C ASN A 530 -15.38 -12.26 -1.00
N TRP A 531 -16.35 -12.97 -0.47
CA TRP A 531 -17.17 -12.52 0.69
C TRP A 531 -16.47 -12.96 1.96
N GLU A 532 -15.92 -12.00 2.71
CA GLU A 532 -15.06 -12.24 3.88
C GLU A 532 -15.89 -12.05 5.17
N TRP A 533 -16.91 -12.88 5.34
CA TRP A 533 -17.69 -13.03 6.61
C TRP A 533 -18.26 -11.66 7.02
N GLY A 534 -17.97 -11.21 8.24
CA GLY A 534 -18.40 -9.92 8.82
C GLY A 534 -18.08 -8.71 7.93
N LEU A 535 -17.08 -8.78 7.06
CA LEU A 535 -16.63 -7.63 6.22
C LEU A 535 -17.26 -7.68 4.82
N GLY A 536 -17.91 -8.78 4.47
CA GLY A 536 -18.38 -9.08 3.09
C GLY A 536 -17.34 -8.73 2.05
N MET A 537 -17.75 -8.16 0.92
CA MET A 537 -16.88 -7.98 -0.26
C MET A 537 -15.98 -6.73 -0.15
N GLN A 538 -15.98 -6.05 0.99
CA GLN A 538 -15.13 -4.87 1.21
C GLN A 538 -13.66 -5.27 1.38
N GLN A 539 -13.37 -6.46 1.91
CA GLN A 539 -11.97 -6.92 2.07
C GLN A 539 -11.58 -7.74 0.85
N LYS A 540 -10.48 -7.34 0.21
CA LYS A 540 -9.99 -7.96 -1.04
C LYS A 540 -8.77 -8.81 -0.73
N PHE A 541 -8.91 -10.13 -0.87
CA PHE A 541 -7.85 -11.15 -0.68
C PHE A 541 -7.40 -11.83 -1.98
N GLY A 542 -8.01 -11.48 -3.10
CA GLY A 542 -7.80 -12.23 -4.34
C GLY A 542 -6.50 -11.86 -5.02
N PHE A 543 -5.92 -12.79 -5.80
CA PHE A 543 -4.88 -12.43 -6.80
C PHE A 543 -5.56 -12.11 -8.14
N GLN A 544 -6.88 -12.13 -8.17
CA GLN A 544 -7.75 -11.63 -9.27
C GLN A 544 -8.74 -10.63 -8.68
N PHE A 545 -9.03 -9.58 -9.42
CA PHE A 545 -10.04 -8.58 -9.04
C PHE A 545 -11.38 -9.14 -9.53
N VAL A 546 -12.41 -9.05 -8.71
CA VAL A 546 -13.81 -9.31 -9.12
C VAL A 546 -14.55 -7.99 -9.09
N ASN A 547 -15.09 -7.59 -10.25
CA ASN A 547 -15.82 -6.34 -10.45
C ASN A 547 -17.27 -6.49 -9.97
N GLN A 548 -17.56 -6.02 -8.76
CA GLN A 548 -18.90 -6.15 -8.10
C GLN A 548 -19.88 -5.09 -8.68
N SER A 549 -19.44 -4.17 -9.53
CA SER A 549 -20.33 -3.25 -10.29
C SER A 549 -20.62 -3.79 -11.68
N ASP A 550 -20.11 -4.97 -12.02
CA ASP A 550 -20.37 -5.60 -13.35
C ASP A 550 -21.34 -6.75 -13.14
N PRO A 551 -22.44 -6.84 -13.90
CA PRO A 551 -23.36 -7.98 -13.81
C PRO A 551 -22.67 -9.35 -13.98
N ASP A 552 -21.64 -9.42 -14.83
CA ASP A 552 -20.86 -10.65 -15.16
C ASP A 552 -19.83 -10.98 -14.06
N LEU A 553 -19.63 -10.11 -13.09
CA LEU A 553 -18.61 -10.27 -11.99
C LEU A 553 -17.25 -10.62 -12.62
N THR A 554 -16.87 -9.86 -13.65
CA THR A 554 -15.67 -10.09 -14.50
C THR A 554 -14.41 -10.20 -13.63
N ARG A 555 -13.58 -11.22 -13.90
CA ARG A 555 -12.29 -11.42 -13.22
C ARG A 555 -11.23 -10.69 -14.05
N THR A 556 -10.29 -10.01 -13.39
CA THR A 556 -9.03 -9.47 -13.99
C THR A 556 -7.84 -9.94 -13.13
N PHE A 557 -6.81 -10.53 -13.78
CA PHE A 557 -5.52 -10.90 -13.13
C PHE A 557 -4.89 -9.64 -12.55
N LYS A 558 -4.51 -9.71 -11.28
CA LYS A 558 -3.60 -8.75 -10.64
C LYS A 558 -2.16 -9.19 -10.93
N LEU A 559 -1.21 -8.30 -10.72
CA LEU A 559 0.24 -8.64 -10.86
C LEU A 559 0.56 -9.85 -9.97
N SER A 560 -0.04 -9.93 -8.78
CA SER A 560 0.24 -10.99 -7.80
C SER A 560 -0.13 -12.35 -8.40
N ALA A 561 -1.12 -12.42 -9.29
CA ALA A 561 -1.48 -13.69 -9.94
C ALA A 561 -0.31 -14.11 -10.86
N HIS A 562 0.29 -13.16 -11.59
CA HIS A 562 1.41 -13.44 -12.50
C HIS A 562 2.66 -13.76 -11.68
N ALA A 563 2.81 -13.15 -10.52
CA ALA A 563 3.93 -13.42 -9.59
C ALA A 563 3.83 -14.88 -9.16
N TYR A 564 2.62 -15.30 -8.87
CA TYR A 564 2.32 -16.68 -8.39
C TYR A 564 2.62 -17.68 -9.52
N ALA A 565 2.09 -17.42 -10.71
CA ALA A 565 2.39 -18.20 -11.94
C ALA A 565 3.90 -18.30 -12.14
N GLN A 566 4.62 -17.16 -12.08
CA GLN A 566 6.07 -17.10 -12.42
C GLN A 566 6.85 -17.92 -11.39
N PHE A 567 6.47 -17.84 -10.12
CA PHE A 567 7.13 -18.61 -9.05
C PHE A 567 7.00 -20.11 -9.33
N GLY A 568 5.82 -20.61 -9.68
CA GLY A 568 5.59 -21.99 -10.10
C GLY A 568 6.51 -22.41 -11.24
N ARG A 569 6.55 -21.62 -12.33
CA ARG A 569 7.38 -21.92 -13.53
C ARG A 569 8.85 -22.00 -13.10
N ASN A 570 9.29 -21.16 -12.17
CA ASN A 570 10.71 -21.05 -11.78
C ASN A 570 11.05 -22.16 -10.78
N HIS A 571 10.14 -22.59 -9.90
CA HIS A 571 10.56 -23.37 -8.72
C HIS A 571 9.80 -24.69 -8.52
N LEU A 572 8.78 -25.03 -9.32
CA LEU A 572 8.30 -26.45 -9.46
C LEU A 572 9.27 -27.27 -10.37
N THR B 32 3.19 53.78 3.70
CA THR B 32 2.57 52.43 3.42
C THR B 32 3.71 51.40 3.52
N GLY B 33 4.24 51.15 4.73
CA GLY B 33 5.30 50.14 5.02
C GLY B 33 4.75 49.01 5.91
N ALA B 35 2.49 49.64 7.63
CA ALA B 35 1.08 50.00 7.53
C ALA B 35 0.36 49.16 6.48
N GLU B 36 0.96 48.97 5.32
CA GLU B 36 0.42 48.15 4.22
C GLU B 36 0.47 46.65 4.60
N LEU B 37 1.55 46.21 5.28
CA LEU B 37 1.67 44.84 5.82
C LEU B 37 0.41 44.51 6.62
N ASP B 38 0.05 45.38 7.57
CA ASP B 38 -1.17 45.21 8.42
C ASP B 38 -2.39 45.03 7.53
N ALA B 39 -2.59 45.95 6.57
CA ALA B 39 -3.74 45.99 5.63
C ALA B 39 -3.87 44.64 4.93
N LEU B 40 -2.76 44.13 4.42
CA LEU B 40 -2.73 42.87 3.63
C LEU B 40 -3.14 41.71 4.55
N TRP B 41 -2.58 41.62 5.76
CA TRP B 41 -2.94 40.53 6.73
C TRP B 41 -4.42 40.68 7.12
N ASN B 42 -4.90 41.90 7.35
CA ASN B 42 -6.36 42.16 7.59
C ASN B 42 -7.24 41.65 6.44
N LEU B 43 -6.79 41.80 5.19
CA LEU B 43 -7.52 41.30 4.01
C LEU B 43 -7.47 39.76 4.03
N VAL B 44 -6.29 39.16 4.27
CA VAL B 44 -6.07 37.68 4.34
C VAL B 44 -6.91 37.06 5.46
N GLU B 45 -7.06 37.76 6.61
CA GLU B 45 -7.68 37.19 7.83
C GLU B 45 -9.15 37.60 7.97
N ALA B 46 -9.79 38.19 6.96
CA ALA B 46 -11.17 38.78 7.07
C ALA B 46 -12.18 37.75 7.62
N GLN B 47 -12.12 36.51 7.12
CA GLN B 47 -13.02 35.37 7.43
C GLN B 47 -12.49 34.56 8.64
N TYR B 48 -11.19 34.29 8.77
CA TYR B 48 -10.62 33.64 9.98
C TYR B 48 -9.11 33.87 10.09
N PRO B 49 -8.61 34.03 11.33
CA PRO B 49 -7.26 34.53 11.56
C PRO B 49 -6.21 33.45 11.27
N VAL B 50 -4.96 33.85 11.21
CA VAL B 50 -3.79 32.93 11.16
C VAL B 50 -3.63 32.29 12.54
N GLN B 51 -3.64 30.96 12.60
CA GLN B 51 -3.46 30.16 13.83
C GLN B 51 -1.99 30.16 14.20
N ALA B 53 1.24 28.35 16.41
CA ALA B 53 1.75 27.07 16.91
C ALA B 53 1.83 27.03 18.45
N ALA B 54 1.78 25.85 19.02
CA ALA B 54 1.96 25.59 20.47
C ALA B 54 3.39 25.94 20.88
N VAL B 55 4.34 25.93 19.94
CA VAL B 55 5.77 26.24 20.19
C VAL B 55 6.14 27.37 19.23
N THR B 56 6.54 28.53 19.79
CA THR B 56 6.91 29.74 19.04
C THR B 56 8.25 30.30 19.51
N LEU B 58 12.56 29.15 19.18
CA LEU B 58 13.57 28.25 18.66
C LEU B 58 13.76 27.07 19.62
N VAL B 59 13.67 25.84 19.13
CA VAL B 59 13.83 24.63 20.00
C VAL B 59 15.33 24.38 20.25
N THR B 60 15.71 24.15 21.52
CA THR B 60 17.06 23.69 21.93
C THR B 60 17.10 22.15 21.89
N VAL B 61 17.94 21.52 21.06
CA VAL B 61 18.04 20.03 21.10
C VAL B 61 18.60 19.68 22.48
N PRO B 62 17.82 19.00 23.36
CA PRO B 62 18.29 18.74 24.71
C PRO B 62 19.47 17.74 24.73
N ASP B 63 20.29 17.80 25.79
CA ASP B 63 21.59 17.08 25.91
C ASP B 63 21.36 15.56 25.78
N ASP B 64 20.32 15.04 26.45
CA ASP B 64 20.07 13.59 26.64
C ASP B 64 19.00 13.09 25.65
N TYR B 65 18.91 13.67 24.43
CA TYR B 65 17.76 13.38 23.53
C TYR B 65 17.98 12.02 22.87
N LYS B 66 16.97 11.18 22.94
CA LYS B 66 17.10 9.75 22.56
C LYS B 66 16.37 9.59 21.23
N PHE B 67 17.03 9.16 20.18
CA PHE B 67 16.26 8.79 18.96
C PHE B 67 15.48 7.50 19.25
N GLU B 68 14.29 7.37 18.70
CA GLU B 68 13.56 6.08 18.76
C GLU B 68 14.48 4.97 18.22
N ALA B 69 14.32 3.77 18.76
CA ALA B 69 15.14 2.59 18.43
C ALA B 69 14.96 2.27 16.94
N ASP B 70 16.00 1.69 16.35
CA ASP B 70 16.02 1.11 15.00
C ASP B 70 14.95 0.04 14.83
N PRO B 71 14.44 -0.08 13.59
CA PRO B 71 13.63 -1.23 13.21
C PRO B 71 14.45 -2.50 13.38
N PRO B 72 13.80 -3.68 13.36
CA PRO B 72 14.53 -4.94 13.53
C PRO B 72 15.51 -5.18 12.37
N SER B 73 16.48 -6.04 12.63
CA SER B 73 17.66 -6.31 11.76
C SER B 73 17.20 -6.81 10.38
N TYR B 74 16.09 -7.52 10.27
CA TYR B 74 15.63 -8.08 8.97
C TYR B 74 14.83 -7.08 8.12
N ALA B 75 14.52 -5.91 8.64
CA ALA B 75 13.47 -5.02 8.07
C ALA B 75 13.82 -4.54 6.67
N LEU B 76 15.10 -4.35 6.35
CA LEU B 76 15.51 -3.82 5.04
C LEU B 76 16.00 -4.96 4.14
N ALA B 77 15.85 -6.20 4.57
CA ALA B 77 16.24 -7.38 3.75
C ALA B 77 15.36 -7.38 2.49
N GLY B 78 15.94 -7.64 1.33
CA GLY B 78 15.19 -7.86 0.07
C GLY B 78 15.06 -6.63 -0.80
N TYR B 79 15.43 -5.44 -0.33
CA TYR B 79 15.18 -4.16 -1.03
C TYR B 79 16.27 -3.90 -2.07
N GLU B 80 17.55 -3.89 -1.66
CA GLU B 80 18.73 -3.75 -2.55
C GLU B 80 18.98 -5.09 -3.24
N THR B 81 19.19 -5.10 -4.56
CA THR B 81 19.47 -6.26 -5.44
C THR B 81 21.00 -6.41 -5.56
N SER B 82 21.52 -7.57 -5.91
CA SER B 82 22.98 -7.83 -6.06
C SER B 82 23.59 -6.98 -7.21
N GLU B 83 22.81 -6.51 -8.16
CA GLU B 83 23.25 -5.71 -9.33
C GLU B 83 24.00 -4.41 -8.95
N ILE B 84 23.86 -3.91 -7.72
CA ILE B 84 24.51 -2.63 -7.30
C ILE B 84 25.54 -2.86 -6.21
N ALA B 85 25.79 -4.12 -5.89
CA ALA B 85 26.84 -4.56 -4.93
C ALA B 85 28.16 -3.93 -5.37
N GLY B 86 28.76 -3.13 -4.48
CA GLY B 86 30.10 -2.56 -4.68
C GLY B 86 30.07 -1.25 -5.44
N LEU B 87 28.91 -0.76 -5.91
CA LEU B 87 28.80 0.53 -6.64
C LEU B 87 28.71 1.66 -5.62
N LYS B 88 29.59 2.66 -5.81
CA LYS B 88 29.61 3.94 -5.03
C LYS B 88 29.22 5.14 -5.91
N PHE B 89 28.52 6.09 -5.34
CA PHE B 89 28.31 7.42 -5.96
C PHE B 89 29.67 8.12 -6.00
N PRO B 90 29.88 9.05 -6.95
CA PRO B 90 31.09 9.84 -7.02
C PRO B 90 31.40 10.52 -5.68
N LYS B 91 32.68 10.73 -5.37
CA LYS B 91 33.19 11.69 -4.34
C LYS B 91 32.37 12.98 -4.38
N GLY B 92 31.88 13.42 -3.22
CA GLY B 92 31.22 14.72 -3.05
C GLY B 92 29.75 14.65 -3.45
N PHE B 93 29.22 13.45 -3.67
CA PHE B 93 27.80 13.28 -4.06
C PHE B 93 26.93 13.87 -2.97
N LYS B 94 25.97 14.71 -3.36
CA LYS B 94 25.00 15.29 -2.41
C LYS B 94 23.83 14.32 -2.20
N PHE B 95 23.79 13.73 -1.00
CA PHE B 95 22.84 12.70 -0.55
C PHE B 95 21.94 13.35 0.51
N GLY B 96 20.70 13.67 0.14
CA GLY B 96 19.96 14.76 0.78
C GLY B 96 18.45 14.59 0.73
N VAL B 97 17.85 15.60 1.32
CA VAL B 97 16.39 15.76 1.50
C VAL B 97 16.05 17.16 1.03
N ALA B 98 14.79 17.39 0.73
CA ALA B 98 14.26 18.69 0.23
C ALA B 98 12.96 19.01 0.93
N GLY B 99 12.86 20.29 1.27
CA GLY B 99 11.63 20.93 1.74
C GLY B 99 11.49 22.29 1.07
N ALA B 100 10.36 22.95 1.28
CA ALA B 100 10.12 24.31 0.79
C ALA B 100 9.51 25.11 1.93
N ALA B 101 9.89 26.40 1.96
CA ALA B 101 9.54 27.33 3.05
C ALA B 101 8.05 27.18 3.44
N ILE B 102 7.14 27.42 2.48
CA ILE B 102 5.69 27.49 2.81
C ILE B 102 5.17 26.08 3.20
N GLN B 103 5.77 25.01 2.69
CA GLN B 103 5.30 23.62 2.96
C GLN B 103 5.77 23.11 4.34
N VAL B 104 6.82 23.68 4.95
CA VAL B 104 7.39 23.13 6.20
C VAL B 104 7.46 24.13 7.36
N GLU B 105 7.54 25.44 7.13
CA GLU B 105 8.01 26.39 8.18
C GLU B 105 6.89 26.67 9.17
N GLY B 106 5.71 27.01 8.66
CA GLY B 106 4.65 27.64 9.51
C GLY B 106 5.06 29.05 9.82
N ALA B 107 4.81 29.53 11.02
CA ALA B 107 5.13 30.92 11.43
C ALA B 107 4.75 31.86 10.29
N ALA B 108 3.56 31.72 9.71
CA ALA B 108 3.12 32.48 8.51
C ALA B 108 3.19 34.00 8.74
N LYS B 109 2.99 34.48 9.98
CA LYS B 109 3.03 35.92 10.31
C LYS B 109 4.17 36.28 11.26
N ALA B 110 4.99 35.32 11.68
CA ALA B 110 6.06 35.55 12.68
C ALA B 110 7.11 36.48 12.07
N GLU B 111 7.65 37.38 12.90
CA GLU B 111 8.89 38.13 12.64
C GLU B 111 8.77 38.87 11.31
N GLY B 112 7.65 39.53 11.06
CA GLY B 112 7.50 40.49 9.96
C GLY B 112 7.19 39.86 8.62
N ARG B 113 6.94 38.55 8.56
CA ARG B 113 6.64 37.91 7.26
C ARG B 113 5.37 38.55 6.65
N GLY B 114 5.41 38.85 5.36
CA GLY B 114 4.23 39.23 4.57
C GLY B 114 3.48 38.01 3.98
N PRO B 115 2.21 38.22 3.59
CA PRO B 115 1.41 37.17 2.97
C PRO B 115 1.77 36.84 1.51
N SER B 116 1.70 35.54 1.21
CA SER B 116 1.77 34.99 -0.17
C SER B 116 0.34 34.85 -0.73
N THR B 117 0.27 34.52 -2.02
CA THR B 117 -0.97 34.19 -2.75
C THR B 117 -1.67 33.02 -2.05
N TRP B 118 -0.88 32.13 -1.46
CA TRP B 118 -1.37 30.90 -0.80
C TRP B 118 -1.94 31.20 0.58
N ASP B 119 -1.39 32.16 1.29
CA ASP B 119 -1.95 32.65 2.58
C ASP B 119 -3.38 33.11 2.30
N TYR B 120 -3.56 33.87 1.22
CA TYR B 120 -4.86 34.48 0.87
C TYR B 120 -5.79 33.35 0.40
N LEU B 121 -5.32 32.49 -0.50
CA LEU B 121 -6.14 31.43 -1.12
C LEU B 121 -6.76 30.58 -0.01
N CYS B 122 -5.95 30.10 0.92
CA CYS B 122 -6.39 29.10 1.93
C CYS B 122 -7.19 29.75 3.07
N HIS B 123 -7.10 31.06 3.29
CA HIS B 123 -7.94 31.75 4.30
C HIS B 123 -9.29 32.23 3.67
N HIS B 124 -9.44 32.21 2.35
CA HIS B 124 -10.69 32.68 1.67
C HIS B 124 -11.38 31.54 0.93
N TYR B 125 -10.68 30.49 0.52
CA TYR B 125 -11.26 29.41 -0.34
C TYR B 125 -10.86 28.04 0.20
N ALA B 126 -10.81 27.90 1.52
CA ALA B 126 -10.24 26.71 2.19
C ALA B 126 -10.95 25.43 1.71
N SER B 127 -12.28 25.40 1.71
CA SER B 127 -13.09 24.17 1.44
C SER B 127 -13.00 23.77 -0.05
N THR B 128 -12.79 24.72 -0.95
CA THR B 128 -12.84 24.51 -2.44
C THR B 128 -11.43 24.31 -3.00
N GLN B 129 -10.41 25.05 -2.57
CA GLN B 129 -9.07 25.03 -3.20
C GLN B 129 -8.01 24.41 -2.27
N CYS B 130 -8.29 24.26 -0.96
CA CYS B 130 -7.22 23.97 0.03
C CYS B 130 -7.52 22.75 0.91
N ASN B 131 -8.62 22.04 0.68
CA ASN B 131 -8.89 20.76 1.37
C ASN B 131 -9.01 21.01 2.88
N ASN B 132 -9.55 22.17 3.28
CA ASN B 132 -9.73 22.61 4.68
C ASN B 132 -8.42 22.68 5.48
N TYR B 133 -7.30 22.89 4.83
CA TYR B 133 -6.01 23.15 5.50
C TYR B 133 -5.55 24.56 5.15
N ASP B 134 -4.41 24.97 5.68
CA ASP B 134 -3.78 26.26 5.38
C ASP B 134 -2.32 26.13 5.78
N PRO B 135 -1.41 26.95 5.24
CA PRO B 135 -0.02 26.95 5.67
C PRO B 135 0.35 27.80 6.90
N ASP B 136 -0.58 28.05 7.83
CA ASP B 136 -0.30 28.84 9.05
C ASP B 136 0.84 28.16 9.84
N ILE B 137 0.76 26.84 10.00
CA ILE B 137 1.66 26.13 10.95
C ILE B 137 2.47 25.03 10.25
N THR B 138 1.84 24.18 9.42
CA THR B 138 2.47 23.01 8.71
C THR B 138 3.31 22.22 9.72
N THR B 139 4.64 22.06 9.55
CA THR B 139 5.49 21.20 10.43
C THR B 139 6.18 22.06 11.50
N ASN B 140 6.01 23.39 11.46
CA ASN B 140 6.63 24.33 12.41
C ASN B 140 8.17 24.23 12.32
N HIS B 141 8.71 23.90 11.14
CA HIS B 141 10.16 23.76 10.88
C HIS B 141 10.82 25.13 11.14
N TYR B 142 10.05 26.23 11.06
CA TYR B 142 10.60 27.57 11.34
C TYR B 142 11.23 27.62 12.73
N TYR B 143 10.60 26.94 13.70
CA TYR B 143 11.14 26.87 15.09
C TYR B 143 11.85 25.53 15.38
N LEU B 144 11.55 24.44 14.65
CA LEU B 144 12.01 23.06 15.01
C LEU B 144 13.27 22.62 14.24
N TYR B 145 13.77 23.43 13.32
CA TYR B 145 14.87 23.04 12.39
C TYR B 145 16.04 22.47 13.20
N PRO B 146 16.46 23.00 14.37
CA PRO B 146 17.61 22.42 15.08
C PRO B 146 17.37 20.93 15.32
N LEU B 147 16.18 20.59 15.77
CA LEU B 147 15.79 19.20 16.12
C LEU B 147 15.73 18.39 14.81
N ASP B 148 15.20 18.97 13.75
CA ASP B 148 15.11 18.33 12.41
C ASP B 148 16.50 17.96 11.90
N PHE B 149 17.46 18.86 12.09
CA PHE B 149 18.86 18.69 11.63
C PHE B 149 19.57 17.62 12.46
N ALA B 150 19.39 17.61 13.79
CA ALA B 150 19.96 16.54 14.64
C ALA B 150 19.40 15.18 14.15
N ARG B 151 18.14 15.13 13.70
CA ARG B 151 17.53 13.83 13.24
C ARG B 151 18.06 13.49 11.83
N LEU B 152 18.27 14.48 10.95
CA LEU B 152 18.89 14.21 9.62
C LEU B 152 20.34 13.77 9.81
N GLN B 153 21.03 14.32 10.79
CA GLN B 153 22.44 13.93 11.05
C GLN B 153 22.46 12.47 11.50
N HIS B 154 21.51 12.06 12.33
CA HIS B 154 21.37 10.65 12.79
C HIS B 154 21.28 9.67 11.62
N LEU B 155 20.74 10.10 10.50
CA LEU B 155 20.50 9.29 9.28
C LEU B 155 21.68 9.40 8.32
N GLY B 156 22.73 10.19 8.60
CA GLY B 156 23.88 10.28 7.67
C GLY B 156 23.57 11.13 6.43
N ILE B 157 22.48 11.89 6.45
CA ILE B 157 22.11 12.84 5.35
C ILE B 157 23.27 13.85 5.27
N ASN B 158 23.68 14.29 4.08
CA ASN B 158 24.81 15.23 3.97
C ASN B 158 24.39 16.52 3.27
N THR B 159 23.14 16.67 2.83
CA THR B 159 22.63 17.83 2.07
C THR B 159 21.17 18.15 2.46
N TYR B 160 20.93 19.43 2.67
CA TYR B 160 19.61 20.00 3.01
C TYR B 160 19.23 21.06 1.97
N SER B 161 18.21 20.72 1.17
CA SER B 161 17.63 21.61 0.15
C SER B 161 16.42 22.33 0.78
N PHE B 162 16.48 23.67 0.81
CA PHE B 162 15.46 24.60 1.34
C PHE B 162 15.15 25.67 0.31
N SER B 163 13.98 26.28 0.50
CA SER B 163 13.57 27.48 -0.24
C SER B 163 13.52 28.64 0.76
N ILE B 164 13.78 29.83 0.23
CA ILE B 164 13.65 31.10 0.97
C ILE B 164 12.28 31.70 0.65
N SER B 165 11.52 32.04 1.68
CA SER B 165 10.23 32.77 1.60
C SER B 165 10.47 34.25 1.25
N TRP B 166 10.16 34.62 0.02
CA TRP B 166 10.33 35.99 -0.53
C TRP B 166 9.76 37.02 0.47
N THR B 167 8.59 36.71 1.00
CA THR B 167 7.85 37.61 1.90
C THR B 167 8.39 37.60 3.33
N ARG B 168 9.39 36.77 3.64
CA ARG B 168 10.17 36.95 4.88
C ARG B 168 11.20 38.07 4.67
N ILE B 169 11.59 38.33 3.43
CA ILE B 169 12.76 39.22 3.11
C ILE B 169 12.20 40.56 2.70
N TYR B 170 11.28 40.58 1.74
CA TYR B 170 10.47 41.75 1.34
C TYR B 170 9.00 41.44 1.58
N PRO B 171 8.43 41.80 2.74
CA PRO B 171 7.04 41.43 3.03
C PRO B 171 6.03 41.88 1.95
N LEU B 172 6.36 42.88 1.11
CA LEU B 172 5.47 43.42 0.04
C LEU B 172 6.03 43.08 -1.34
N GLY B 173 7.01 42.18 -1.40
CA GLY B 173 7.66 41.77 -2.67
C GLY B 173 8.66 42.82 -3.15
N ALA B 174 8.36 44.12 -3.03
CA ALA B 174 9.31 45.23 -3.30
C ALA B 174 9.28 46.22 -2.11
N GLY B 175 10.17 47.21 -2.10
CA GLY B 175 10.28 48.21 -1.02
C GLY B 175 11.11 47.69 0.13
N TYR B 176 10.56 47.67 1.34
CA TYR B 176 11.33 47.56 2.61
C TYR B 176 11.80 46.10 2.82
N VAL B 177 12.97 45.99 3.46
CA VAL B 177 13.67 44.73 3.79
C VAL B 177 13.37 44.40 5.25
N ASN B 178 13.13 43.13 5.52
CA ASN B 178 12.83 42.56 6.85
C ASN B 178 14.11 41.88 7.36
N GLU B 179 14.93 42.60 8.13
CA GLU B 179 16.21 42.11 8.69
C GLU B 179 15.98 40.82 9.48
N ALA B 180 14.88 40.69 10.21
CA ALA B 180 14.67 39.51 11.08
C ALA B 180 14.55 38.27 10.20
N GLY B 181 13.93 38.40 9.03
CA GLY B 181 13.86 37.34 8.01
C GLY B 181 15.23 36.97 7.45
N LEU B 182 16.06 37.96 7.10
CA LEU B 182 17.42 37.66 6.61
C LEU B 182 18.17 36.92 7.74
N ALA B 183 18.02 37.35 9.00
CA ALA B 183 18.71 36.71 10.15
C ALA B 183 18.24 35.27 10.37
N HIS B 184 16.95 34.99 10.15
CA HIS B 184 16.37 33.64 10.31
C HIS B 184 17.15 32.67 9.43
N TYR B 185 17.32 32.95 8.15
CA TYR B 185 17.98 31.98 7.24
C TYR B 185 19.49 31.88 7.52
N ASP B 186 20.18 32.95 7.98
CA ASP B 186 21.59 32.86 8.47
C ASP B 186 21.67 31.76 9.53
N ALA B 187 20.79 31.84 10.52
CA ALA B 187 20.74 30.91 11.66
C ALA B 187 20.41 29.49 11.14
N VAL B 188 19.52 29.35 10.16
CA VAL B 188 19.16 28.03 9.57
C VAL B 188 20.36 27.47 8.82
N ILE B 189 21.02 28.26 7.99
CA ILE B 189 22.23 27.82 7.22
C ILE B 189 23.38 27.44 8.17
N HIS B 190 23.55 28.14 9.26
CA HIS B 190 24.65 27.91 10.22
C HIS B 190 24.35 26.58 10.93
N SER B 191 23.11 26.42 11.38
CA SER B 191 22.71 25.16 12.06
C SER B 191 22.96 24.00 11.10
N ALA B 192 22.54 24.10 9.85
CA ALA B 192 22.64 22.99 8.86
C ALA B 192 24.09 22.53 8.73
N LYS B 193 25.02 23.49 8.65
CA LYS B 193 26.45 23.19 8.41
C LYS B 193 27.02 22.50 9.64
N LYS B 194 26.64 22.93 10.84
CA LYS B 194 27.10 22.35 12.13
C LYS B 194 26.67 20.89 12.21
N TYR B 195 25.49 20.55 11.67
CA TYR B 195 24.94 19.17 11.65
C TYR B 195 25.41 18.41 10.39
N GLY B 196 26.38 18.96 9.65
CA GLY B 196 27.02 18.32 8.48
C GLY B 196 26.13 18.26 7.27
N LEU B 197 25.19 19.20 7.10
CA LEU B 197 24.27 19.26 5.94
C LEU B 197 24.72 20.39 5.01
N GLU B 198 25.15 20.08 3.79
CA GLU B 198 25.46 21.11 2.77
C GLU B 198 24.17 21.82 2.36
N PRO B 199 24.06 23.16 2.56
CA PRO B 199 22.86 23.90 2.21
C PRO B 199 22.77 24.23 0.71
N VAL B 200 21.65 23.84 0.10
CA VAL B 200 21.27 24.11 -1.31
C VAL B 200 20.01 24.96 -1.30
N GLY B 201 20.11 26.17 -1.85
CA GLY B 201 19.08 27.20 -1.71
C GLY B 201 18.26 27.38 -2.97
N THR B 202 16.94 27.48 -2.82
CA THR B 202 15.98 27.81 -3.90
C THR B 202 15.39 29.17 -3.58
N VAL B 203 15.47 30.10 -4.54
CA VAL B 203 15.10 31.51 -4.33
C VAL B 203 13.57 31.59 -4.27
N PHE B 204 12.88 30.86 -5.13
CA PHE B 204 11.42 30.98 -5.28
C PHE B 204 10.76 29.61 -5.50
N HIS B 205 9.93 29.20 -4.55
CA HIS B 205 9.16 27.91 -4.51
C HIS B 205 7.68 28.26 -4.35
N TRP B 206 7.12 29.02 -5.32
CA TRP B 206 5.68 29.24 -5.62
C TRP B 206 4.98 30.22 -4.69
N ASP B 207 5.65 30.75 -3.67
CA ASP B 207 5.03 31.60 -2.61
C ASP B 207 5.07 33.08 -3.06
N THR B 208 4.36 33.40 -4.13
CA THR B 208 4.28 34.76 -4.71
C THR B 208 3.81 35.76 -3.66
N PRO B 209 4.53 36.88 -3.44
CA PRO B 209 4.03 37.96 -2.59
C PRO B 209 2.63 38.48 -3.01
N LEU B 210 1.66 38.49 -2.10
CA LEU B 210 0.27 38.94 -2.39
C LEU B 210 0.30 40.38 -2.89
N SER B 211 1.16 41.23 -2.31
CA SER B 211 1.23 42.69 -2.61
C SER B 211 1.51 42.93 -4.11
N LEU B 212 2.43 42.16 -4.70
CA LEU B 212 2.80 42.29 -6.13
C LEU B 212 1.65 41.78 -6.99
N MET B 213 0.95 40.72 -6.54
CA MET B 213 -0.25 40.20 -7.24
C MET B 213 -1.30 41.32 -7.33
N LEU B 214 -1.55 42.03 -6.24
CA LEU B 214 -2.59 43.09 -6.18
C LEU B 214 -2.12 44.32 -6.93
N LYS B 215 -0.83 44.64 -6.93
CA LYS B 215 -0.36 45.94 -7.50
C LYS B 215 -0.41 45.84 -9.04
N TYR B 216 0.18 44.80 -9.65
CA TYR B 216 0.31 44.72 -11.13
C TYR B 216 0.12 43.28 -11.63
N GLY B 217 -0.24 42.30 -10.79
CA GLY B 217 -0.64 40.95 -11.21
C GLY B 217 0.51 39.96 -11.17
N ALA B 218 1.60 40.37 -10.55
CA ALA B 218 2.80 39.55 -10.28
C ALA B 218 3.30 38.99 -11.60
N TRP B 219 3.29 37.65 -11.77
CA TRP B 219 3.89 36.96 -12.93
C TRP B 219 3.08 37.14 -14.21
N GLN B 220 1.87 37.73 -14.15
CA GLN B 220 1.10 38.08 -15.39
C GLN B 220 1.41 39.51 -15.84
N ASP B 221 2.33 40.23 -15.17
CA ASP B 221 2.77 41.59 -15.52
C ASP B 221 3.11 41.64 -17.01
N THR B 222 2.43 42.51 -17.74
CA THR B 222 2.70 42.79 -19.18
C THR B 222 3.83 43.83 -19.29
N GLY B 223 4.25 44.43 -18.17
CA GLY B 223 5.46 45.25 -18.09
C GLY B 223 6.64 44.36 -17.72
N ASP B 224 7.59 44.93 -16.99
CA ASP B 224 8.77 44.19 -16.53
C ASP B 224 9.07 44.52 -15.06
N GLN B 225 8.12 45.01 -14.29
CA GLN B 225 8.33 45.26 -12.85
C GLN B 225 8.49 43.93 -12.09
N ILE B 226 7.79 42.83 -12.49
CA ILE B 226 7.95 41.50 -11.83
C ILE B 226 9.43 41.07 -11.96
N VAL B 227 10.04 41.33 -13.10
CA VAL B 227 11.46 40.96 -13.35
C VAL B 227 12.38 41.82 -12.47
N LYS B 228 12.13 43.12 -12.39
CA LYS B 228 12.94 44.00 -11.51
C LYS B 228 12.76 43.59 -10.05
N ASP B 229 11.53 43.34 -9.61
CA ASP B 229 11.24 43.02 -8.18
C ASP B 229 11.89 41.68 -7.80
N PHE B 230 11.78 40.66 -8.66
CA PHE B 230 12.45 39.35 -8.44
C PHE B 230 13.96 39.55 -8.33
N VAL B 231 14.53 40.29 -9.27
CA VAL B 231 16.01 40.46 -9.35
C VAL B 231 16.51 41.21 -8.11
N THR B 232 15.82 42.25 -7.63
CA THR B 232 16.17 42.98 -6.37
C THR B 232 16.23 41.96 -5.21
N TYR B 233 15.23 41.09 -5.13
CA TYR B 233 15.09 40.06 -4.08
C TYR B 233 16.23 39.04 -4.18
N ALA B 234 16.41 38.47 -5.36
CA ALA B 234 17.46 37.47 -5.58
C ALA B 234 18.84 38.06 -5.20
N THR B 235 19.08 39.33 -5.55
CA THR B 235 20.33 40.11 -5.25
C THR B 235 20.54 40.11 -3.74
N THR B 236 19.53 40.41 -2.95
CA THR B 236 19.63 40.48 -1.47
C THR B 236 20.00 39.12 -0.88
N VAL B 237 19.32 38.05 -1.28
CA VAL B 237 19.55 36.71 -0.69
C VAL B 237 20.92 36.13 -1.15
N PHE B 238 21.31 36.39 -2.40
CA PHE B 238 22.64 35.98 -2.93
C PHE B 238 23.74 36.68 -2.10
N LYS B 239 23.70 38.01 -1.92
CA LYS B 239 24.71 38.72 -1.07
C LYS B 239 24.67 38.15 0.35
N ARG B 240 23.49 37.90 0.88
CA ARG B 240 23.38 37.52 2.29
C ARG B 240 23.96 36.11 2.51
N TYR B 241 23.71 35.14 1.63
CA TYR B 241 23.88 33.70 1.91
C TYR B 241 24.96 33.05 1.03
N GLY B 242 25.49 33.69 -0.01
CA GLY B 242 26.21 32.90 -1.03
C GLY B 242 27.72 32.84 -0.88
N ASN B 243 28.31 33.42 0.16
CA ASN B 243 29.38 32.82 0.97
C ASN B 243 29.10 31.45 1.60
N GLU B 244 27.90 31.12 2.07
CA GLU B 244 27.63 29.81 2.76
C GLU B 244 26.91 28.85 1.81
N VAL B 245 26.15 29.35 0.85
CA VAL B 245 25.38 28.54 -0.13
C VAL B 245 26.06 28.68 -1.48
N LYS B 246 26.40 27.56 -2.08
CA LYS B 246 27.26 27.45 -3.28
C LYS B 246 26.52 26.61 -4.34
N THR B 247 25.33 26.07 -4.04
CA THR B 247 24.42 25.51 -5.06
C THR B 247 23.08 26.25 -4.93
N TRP B 248 22.64 26.91 -6.01
CA TRP B 248 21.40 27.70 -6.07
C TRP B 248 20.47 27.24 -7.19
N PHE B 249 19.18 27.29 -6.91
CA PHE B 249 18.09 27.16 -7.90
C PHE B 249 17.22 28.40 -7.80
N THR B 250 17.04 29.09 -8.92
CA THR B 250 16.24 30.34 -8.99
C THR B 250 14.79 29.98 -8.73
N PHE B 251 14.26 29.02 -9.49
CA PHE B 251 12.85 28.62 -9.57
C PHE B 251 12.72 27.14 -9.34
N ASN B 252 11.73 26.77 -8.55
CA ASN B 252 11.31 25.37 -8.36
C ASN B 252 10.22 25.04 -9.40
N GLU B 253 10.47 24.15 -10.35
CA GLU B 253 9.41 23.64 -11.25
C GLU B 253 8.58 24.80 -11.85
N PRO B 254 9.20 25.71 -12.63
CA PRO B 254 8.46 26.88 -13.14
C PRO B 254 7.27 26.49 -14.02
N ARG B 255 7.34 25.36 -14.72
CA ARG B 255 6.22 24.89 -15.58
C ARG B 255 4.97 24.60 -14.76
N VAL B 256 5.14 23.91 -13.62
CA VAL B 256 4.02 23.60 -12.69
C VAL B 256 3.48 24.91 -12.08
N PHE B 257 4.37 25.77 -11.57
CA PHE B 257 3.99 27.07 -10.99
C PHE B 257 3.21 27.89 -12.03
N CYS B 258 3.68 28.03 -13.26
CA CYS B 258 2.97 28.89 -14.24
C CYS B 258 1.57 28.30 -14.50
N SER B 259 1.36 26.97 -14.40
CA SER B 259 0.03 26.39 -14.71
C SER B 259 -0.99 26.76 -13.64
N GLN B 260 -0.56 26.91 -12.39
CA GLN B 260 -1.39 27.44 -11.26
C GLN B 260 -1.83 28.90 -11.49
N ASN B 261 -1.19 29.66 -12.40
CA ASN B 261 -1.51 31.10 -12.59
C ASN B 261 -2.80 31.25 -13.44
N SER B 262 -3.30 30.14 -13.97
CA SER B 262 -4.56 30.02 -14.74
C SER B 262 -5.79 30.09 -13.82
N GLY B 263 -5.63 29.84 -12.51
CA GLY B 263 -6.71 29.80 -11.49
C GLY B 263 -6.52 30.79 -10.34
N LEU B 264 -7.26 30.56 -9.25
CA LEU B 264 -7.28 31.38 -8.02
C LEU B 264 -5.92 31.30 -7.34
N PRO B 265 -5.42 32.37 -6.68
CA PRO B 265 -6.05 33.71 -6.68
C PRO B 265 -5.64 34.69 -7.80
N TYR B 266 -4.76 34.25 -8.71
CA TYR B 266 -4.10 35.03 -9.78
C TYR B 266 -5.14 35.58 -10.78
N ASN B 267 -6.15 34.78 -11.11
CA ASN B 267 -7.22 35.12 -12.09
C ASN B 267 -8.12 36.24 -11.56
N LEU B 268 -7.95 36.67 -10.31
CA LEU B 268 -8.69 37.82 -9.75
C LEU B 268 -8.03 39.16 -10.15
N THR B 269 -6.78 39.17 -10.62
CA THR B 269 -5.96 40.41 -10.80
C THR B 269 -5.29 40.47 -12.18
N TYR B 270 -5.73 39.70 -13.19
CA TYR B 270 -5.12 39.70 -14.54
C TYR B 270 -5.06 41.13 -15.10
N PRO B 271 -3.94 41.60 -15.67
CA PRO B 271 -3.93 42.90 -16.35
C PRO B 271 -4.81 42.86 -17.60
N GLU B 272 -5.17 44.01 -18.18
CA GLU B 272 -5.85 44.14 -19.51
C GLU B 272 -5.07 43.25 -20.49
N GLY B 273 -5.76 42.39 -21.23
CA GLY B 273 -5.11 41.55 -22.27
C GLY B 273 -4.76 40.15 -21.77
N ILE B 274 -4.79 39.86 -20.48
CA ILE B 274 -4.42 38.50 -19.99
C ILE B 274 -5.72 37.74 -19.67
N ASN B 275 -5.87 36.50 -20.13
CA ASN B 275 -6.94 35.61 -19.60
C ASN B 275 -6.31 34.37 -18.97
N SER B 276 -7.10 33.34 -18.70
CA SER B 276 -6.65 32.13 -17.97
C SER B 276 -5.65 31.32 -18.79
N THR B 277 -5.76 31.36 -20.13
CA THR B 277 -4.86 30.60 -21.05
C THR B 277 -3.52 31.32 -21.19
N SER B 278 -3.59 32.60 -21.53
CA SER B 278 -2.42 33.48 -21.80
C SER B 278 -1.63 33.72 -20.52
N ALA B 279 -2.25 33.71 -19.34
CA ALA B 279 -1.55 33.94 -18.04
C ALA B 279 -0.41 32.92 -17.88
N VAL B 280 -0.60 31.71 -18.37
CA VAL B 280 0.38 30.60 -18.20
C VAL B 280 1.67 30.99 -18.96
N PHE B 281 1.50 31.50 -20.17
CA PHE B 281 2.59 31.77 -21.14
C PHE B 281 3.21 33.15 -20.87
N ARG B 282 2.41 34.10 -20.40
CA ARG B 282 2.92 35.36 -19.79
C ARG B 282 3.86 35.02 -18.64
N CYS B 283 3.42 34.16 -17.73
CA CYS B 283 4.20 33.70 -16.54
C CYS B 283 5.48 32.99 -16.99
N THR B 284 5.39 32.12 -17.98
CA THR B 284 6.53 31.40 -18.56
C THR B 284 7.63 32.37 -18.98
N TYR B 285 7.27 33.41 -19.70
CA TYR B 285 8.21 34.38 -20.28
C TYR B 285 8.81 35.20 -19.15
N ASN B 286 7.98 35.72 -18.25
CA ASN B 286 8.46 36.59 -17.14
C ASN B 286 9.40 35.78 -16.23
N VAL B 287 9.15 34.48 -16.09
CA VAL B 287 9.99 33.62 -15.19
C VAL B 287 11.34 33.45 -15.88
N LEU B 288 11.34 33.31 -17.20
CA LEU B 288 12.60 33.04 -17.95
C LEU B 288 13.46 34.30 -17.84
N LYS B 289 12.83 35.45 -17.94
CA LYS B 289 13.53 36.76 -17.83
C LYS B 289 14.13 36.92 -16.43
N ALA B 290 13.28 36.79 -15.43
CA ALA B 290 13.67 36.83 -14.02
C ALA B 290 14.89 35.92 -13.83
N HIS B 291 14.85 34.70 -14.37
CA HIS B 291 15.91 33.68 -14.18
C HIS B 291 17.23 34.20 -14.75
N GLY B 292 17.17 34.70 -15.99
CA GLY B 292 18.35 35.11 -16.77
C GLY B 292 19.00 36.28 -16.08
N HIS B 293 18.20 37.27 -15.71
CA HIS B 293 18.66 38.53 -15.05
C HIS B 293 19.22 38.14 -13.69
N ALA B 294 18.55 37.25 -12.96
CA ALA B 294 19.05 36.78 -11.65
C ALA B 294 20.40 36.06 -11.82
N VAL B 295 20.57 35.21 -12.83
CA VAL B 295 21.85 34.45 -12.99
C VAL B 295 22.96 35.43 -13.34
N LYS B 296 22.65 36.52 -14.07
CA LYS B 296 23.63 37.58 -14.39
C LYS B 296 24.11 38.26 -13.12
N VAL B 297 23.20 38.61 -12.23
CA VAL B 297 23.59 39.20 -10.95
C VAL B 297 24.43 38.18 -10.16
N TYR B 298 24.08 36.90 -10.18
CA TYR B 298 24.85 35.83 -9.47
C TYR B 298 26.28 35.81 -9.97
N ARG B 299 26.47 35.85 -11.28
CA ARG B 299 27.81 35.75 -11.90
C ARG B 299 28.62 37.03 -11.62
N ASP B 300 27.98 38.20 -11.63
CA ASP B 300 28.60 39.51 -11.31
C ASP B 300 29.08 39.53 -9.85
N LEU B 301 28.26 39.09 -8.92
CA LEU B 301 28.61 38.94 -7.48
C LEU B 301 29.79 37.98 -7.33
N VAL B 302 29.79 36.87 -8.04
CA VAL B 302 30.97 35.96 -8.05
C VAL B 302 32.21 36.71 -8.56
N ALA B 303 32.06 37.45 -9.65
CA ALA B 303 33.14 38.14 -10.37
C ALA B 303 33.68 39.29 -9.50
N SER B 304 32.85 39.91 -8.66
CA SER B 304 33.23 41.06 -7.77
C SER B 304 33.77 40.55 -6.44
N GLY B 305 33.78 39.22 -6.24
CA GLY B 305 34.38 38.57 -5.05
C GLY B 305 33.48 38.68 -3.82
N THR B 306 32.22 39.06 -4.02
CA THR B 306 31.28 39.42 -2.94
C THR B 306 30.73 38.16 -2.31
N ILE B 307 30.64 37.09 -3.10
CA ILE B 307 30.17 35.77 -2.64
C ILE B 307 31.17 34.73 -3.15
N ALA B 308 31.11 33.51 -2.60
CA ALA B 308 31.84 32.31 -3.07
C ALA B 308 31.41 31.93 -4.48
N ALA B 309 32.36 31.50 -5.29
CA ALA B 309 32.14 30.86 -6.60
C ALA B 309 31.25 29.62 -6.41
N GLY B 310 30.01 29.66 -6.88
CA GLY B 310 29.15 28.45 -6.85
C GLY B 310 28.45 28.19 -8.16
N GLU B 311 27.34 27.47 -8.11
CA GLU B 311 26.68 26.95 -9.32
C GLU B 311 25.19 27.24 -9.20
N ILE B 312 24.60 27.73 -10.28
CA ILE B 312 23.18 28.16 -10.24
C ILE B 312 22.44 27.55 -11.43
N GLY B 313 21.24 27.08 -11.19
CA GLY B 313 20.31 26.59 -12.23
C GLY B 313 18.86 26.76 -11.84
N PHE B 314 17.98 25.90 -12.30
CA PHE B 314 16.59 25.85 -11.82
C PHE B 314 16.11 24.39 -11.89
N LYS B 315 15.03 24.06 -11.18
CA LYS B 315 14.59 22.68 -11.03
C LYS B 315 13.56 22.42 -12.11
N SER B 316 13.89 21.57 -13.08
CA SER B 316 12.93 21.12 -14.12
C SER B 316 12.09 20.01 -13.50
N ASP B 317 10.96 19.67 -14.10
CA ASP B 317 10.16 18.51 -13.61
C ASP B 317 9.66 17.75 -14.83
N ASP B 318 8.82 16.73 -14.61
CA ASP B 318 8.10 15.97 -15.65
C ASP B 318 9.10 15.11 -16.42
N ASN B 319 8.74 14.65 -17.60
CA ASN B 319 9.49 13.57 -18.25
C ASN B 319 9.27 13.65 -19.77
N TYR B 320 10.11 12.98 -20.52
CA TYR B 320 9.82 12.59 -21.92
C TYR B 320 9.06 11.27 -21.90
N PRO B 321 7.73 11.19 -22.09
CA PRO B 321 7.02 9.91 -21.99
C PRO B 321 7.38 8.92 -23.10
N ILE B 322 7.04 7.67 -22.89
CA ILE B 322 7.23 6.61 -23.89
C ILE B 322 5.98 6.61 -24.72
N PRO B 323 6.06 6.45 -26.06
CA PRO B 323 4.88 6.31 -26.88
C PRO B 323 4.15 5.01 -26.50
N ALA B 324 2.83 5.10 -26.49
CA ALA B 324 1.91 3.98 -26.17
C ALA B 324 2.17 2.84 -27.15
N ARG B 325 2.31 3.11 -28.42
CA ARG B 325 2.44 2.10 -29.49
C ARG B 325 3.77 2.37 -30.19
N PRO B 326 4.85 1.64 -29.82
CA PRO B 326 6.17 1.82 -30.44
C PRO B 326 6.14 1.94 -31.97
N GLY B 327 6.79 2.96 -32.50
CA GLY B 327 6.91 3.20 -33.96
C GLY B 327 5.71 3.94 -34.54
N ASN B 328 4.63 4.12 -33.78
CA ASN B 328 3.44 4.88 -34.23
C ASN B 328 3.82 6.36 -34.13
N ALA B 329 3.81 7.06 -35.25
CA ALA B 329 4.30 8.44 -35.39
C ALA B 329 3.42 9.38 -34.56
N ASP B 330 2.13 9.10 -34.43
CA ASP B 330 1.17 9.96 -33.65
C ASP B 330 1.58 9.93 -32.17
N ASP B 331 1.84 8.76 -31.61
CA ASP B 331 2.25 8.64 -30.17
C ASP B 331 3.67 9.20 -30.04
N GLU B 332 4.50 9.01 -31.04
CA GLU B 332 5.86 9.61 -31.06
C GLU B 332 5.74 11.14 -31.05
N GLU B 333 4.84 11.70 -31.85
CA GLU B 333 4.64 13.16 -31.94
C GLU B 333 4.10 13.70 -30.60
N SER B 334 3.08 13.05 -30.04
CA SER B 334 2.44 13.50 -28.77
C SER B 334 3.45 13.43 -27.62
N ALA B 335 4.29 12.40 -27.57
CA ALA B 335 5.37 12.32 -26.55
C ALA B 335 6.34 13.49 -26.75
N LYS B 336 6.69 13.84 -27.96
CA LYS B 336 7.56 15.02 -28.24
C LYS B 336 6.87 16.29 -27.76
N ARG B 337 5.60 16.45 -28.08
CA ARG B 337 4.85 17.65 -27.65
C ARG B 337 4.88 17.72 -26.11
N HIS B 338 4.72 16.58 -25.41
CA HIS B 338 4.76 16.54 -23.93
C HIS B 338 6.10 17.12 -23.48
N GLU B 339 7.21 16.65 -24.05
CA GLU B 339 8.52 17.04 -23.54
C GLU B 339 8.69 18.56 -23.77
N ALA B 340 8.29 19.08 -24.93
CA ALA B 340 8.46 20.48 -25.36
C ALA B 340 7.74 21.39 -24.37
N PHE B 341 6.46 21.12 -24.05
CA PHE B 341 5.63 21.98 -23.18
C PHE B 341 5.93 21.75 -21.70
N ARG B 342 6.38 20.55 -21.28
CA ARG B 342 6.60 20.30 -19.83
C ARG B 342 8.04 20.57 -19.41
N ILE B 343 9.01 20.43 -20.32
CA ILE B 343 10.47 20.58 -20.02
C ILE B 343 11.09 21.62 -20.95
N GLY B 344 10.91 21.41 -22.28
CA GLY B 344 11.59 22.18 -23.34
C GLY B 344 11.35 23.68 -23.26
N ILE B 345 10.14 24.09 -22.89
CA ILE B 345 9.73 25.51 -22.93
C ILE B 345 10.65 26.35 -22.02
N PHE B 346 11.20 25.79 -20.92
CA PHE B 346 12.16 26.50 -20.05
C PHE B 346 13.62 26.06 -20.35
N ALA B 347 13.85 24.77 -20.68
CA ALA B 347 15.21 24.20 -20.74
C ALA B 347 15.89 24.52 -22.06
N GLN B 348 15.15 24.61 -23.16
CA GLN B 348 15.74 24.89 -24.50
C GLN B 348 16.30 26.31 -24.51
N PRO B 349 15.56 27.33 -24.03
CA PRO B 349 16.13 28.68 -23.94
C PRO B 349 17.41 28.79 -23.10
N VAL B 350 17.47 27.97 -22.04
CA VAL B 350 18.55 28.08 -21.01
C VAL B 350 19.71 27.17 -21.43
N TYR B 351 19.45 25.87 -21.65
CA TYR B 351 20.52 24.86 -21.84
C TYR B 351 20.66 24.46 -23.32
N GLY B 352 19.77 24.92 -24.19
CA GLY B 352 19.74 24.52 -25.60
C GLY B 352 20.12 25.67 -26.53
N ASN B 353 19.43 25.80 -27.65
CA ASN B 353 19.78 26.74 -28.76
C ASN B 353 19.36 28.16 -28.39
N GLY B 354 18.75 28.37 -27.24
CA GLY B 354 18.42 29.70 -26.72
C GLY B 354 17.05 30.17 -27.11
N ASP B 355 16.20 29.32 -27.72
CA ASP B 355 14.81 29.70 -28.12
C ASP B 355 13.82 28.66 -27.59
N TYR B 356 12.54 29.03 -27.54
CA TYR B 356 11.46 28.07 -27.19
C TYR B 356 11.41 26.95 -28.23
N PRO B 357 10.97 25.72 -27.88
CA PRO B 357 10.74 24.66 -28.86
C PRO B 357 9.84 25.14 -30.01
N ASP B 358 10.14 24.79 -31.25
CA ASP B 358 9.32 25.28 -32.41
C ASP B 358 7.89 24.76 -32.25
N VAL B 359 7.71 23.56 -31.72
CA VAL B 359 6.36 22.95 -31.46
C VAL B 359 5.51 23.83 -30.55
N VAL B 360 6.13 24.44 -29.54
CA VAL B 360 5.41 25.35 -28.60
C VAL B 360 5.02 26.65 -29.32
N LYS B 361 5.96 27.28 -30.05
CA LYS B 361 5.75 28.54 -30.81
C LYS B 361 4.54 28.36 -31.74
N GLU B 362 4.53 27.29 -32.53
CA GLU B 362 3.56 27.00 -33.62
C GLU B 362 2.15 26.88 -33.03
N THR B 363 2.05 26.44 -31.77
CA THR B 363 0.78 26.13 -31.09
C THR B 363 0.26 27.37 -30.34
N VAL B 364 1.06 28.06 -29.50
CA VAL B 364 0.53 29.12 -28.58
C VAL B 364 0.59 30.50 -29.24
N GLY B 365 1.45 30.74 -30.24
CA GLY B 365 1.50 32.03 -30.99
C GLY B 365 1.87 33.19 -30.07
N ASP B 366 1.21 34.35 -30.24
CA ASP B 366 1.56 35.64 -29.57
C ASP B 366 1.40 35.59 -28.04
N MET B 367 0.63 34.66 -27.46
CA MET B 367 0.35 34.55 -26.01
C MET B 367 1.65 34.38 -25.23
N LEU B 368 2.66 33.79 -25.86
CA LEU B 368 4.02 33.62 -25.35
C LEU B 368 4.90 34.67 -26.02
N PRO B 369 5.25 35.76 -25.31
CA PRO B 369 6.16 36.78 -25.83
C PRO B 369 7.47 36.18 -26.38
N ALA B 370 7.78 36.58 -27.61
CA ALA B 370 9.07 36.36 -28.32
C ALA B 370 10.25 36.73 -27.42
N LEU B 371 11.24 35.86 -27.32
CA LEU B 371 12.54 36.23 -26.72
C LEU B 371 13.27 37.14 -27.71
N THR B 372 13.61 38.37 -27.28
CA THR B 372 14.46 39.32 -28.02
C THR B 372 15.91 38.83 -27.96
N ASP B 373 16.77 39.42 -28.80
CA ASP B 373 18.23 39.19 -28.84
C ASP B 373 18.76 39.47 -27.43
N GLU B 374 18.26 40.54 -26.80
CA GLU B 374 18.66 40.97 -25.44
C GLU B 374 18.20 39.90 -24.44
N ASP B 375 16.96 39.45 -24.49
CA ASP B 375 16.49 38.33 -23.61
C ASP B 375 17.45 37.15 -23.76
N LYS B 376 17.79 36.76 -25.00
CA LYS B 376 18.64 35.57 -25.28
C LYS B 376 20.04 35.79 -24.73
N GLY B 377 20.52 37.04 -24.76
CA GLY B 377 21.76 37.48 -24.11
C GLY B 377 21.87 37.05 -22.65
N TYR B 378 20.79 37.11 -21.88
CA TYR B 378 20.83 36.69 -20.45
C TYR B 378 20.39 35.23 -20.26
N ILE B 379 19.46 34.75 -21.06
CA ILE B 379 18.78 33.45 -20.76
C ILE B 379 19.67 32.30 -21.29
N LYS B 380 20.15 32.42 -22.53
CA LYS B 380 21.00 31.38 -23.14
C LYS B 380 22.27 31.19 -22.28
N GLY B 381 22.51 29.96 -21.81
CA GLY B 381 23.71 29.64 -21.04
C GLY B 381 23.59 29.99 -19.58
N SER B 382 22.37 30.22 -19.08
CA SER B 382 22.14 30.67 -17.69
C SER B 382 21.90 29.50 -16.72
N GLY B 383 22.32 28.28 -17.07
CA GLY B 383 22.27 27.09 -16.20
C GLY B 383 23.62 26.39 -16.03
N ASP B 384 24.32 26.55 -14.89
CA ASP B 384 25.58 25.79 -14.61
C ASP B 384 25.28 24.30 -14.37
N ILE B 385 24.10 24.01 -13.84
CA ILE B 385 23.68 22.64 -13.42
C ILE B 385 22.26 22.42 -13.95
N PHE B 386 21.96 21.22 -14.40
CA PHE B 386 20.57 20.77 -14.64
C PHE B 386 20.06 20.09 -13.36
N ALA B 387 18.78 20.27 -13.08
CA ALA B 387 18.08 19.64 -11.93
C ALA B 387 16.72 19.13 -12.41
N ILE B 388 16.49 17.83 -12.28
CA ILE B 388 15.17 17.22 -12.66
C ILE B 388 14.46 16.70 -11.40
N ASP B 389 13.22 17.11 -11.16
CA ASP B 389 12.30 16.44 -10.18
C ASP B 389 11.75 15.15 -10.86
N GLY B 390 12.59 14.09 -10.89
CA GLY B 390 12.37 12.85 -11.66
C GLY B 390 11.44 11.82 -11.01
N TYR B 391 10.31 12.24 -10.49
CA TYR B 391 9.32 11.40 -9.76
C TYR B 391 8.88 10.17 -10.58
N ARG B 392 8.60 10.37 -11.87
CA ARG B 392 8.00 9.30 -12.69
C ARG B 392 8.21 9.58 -14.18
N THR B 393 7.78 8.60 -14.96
CA THR B 393 7.70 8.61 -16.41
C THR B 393 6.31 8.14 -16.84
N ASP B 394 5.82 8.72 -17.95
CA ASP B 394 4.40 8.66 -18.32
C ASP B 394 4.39 7.89 -19.65
N ILE B 395 3.20 7.48 -20.10
CA ILE B 395 2.92 6.93 -21.45
C ILE B 395 2.11 7.96 -22.26
N SER B 396 2.44 8.18 -23.52
CA SER B 396 1.75 9.14 -24.42
C SER B 396 0.97 8.43 -25.51
N HIS B 397 -0.35 8.46 -25.36
CA HIS B 397 -1.35 8.15 -26.39
C HIS B 397 -1.74 9.45 -27.10
N ALA B 398 -1.56 9.53 -28.43
CA ALA B 398 -2.04 10.70 -29.22
C ALA B 398 -3.53 10.94 -28.97
N ALA B 399 -3.95 12.21 -28.89
CA ALA B 399 -5.39 12.58 -28.77
C ALA B 399 -6.27 11.73 -29.70
N LEU B 400 -7.33 11.15 -29.16
CA LEU B 400 -8.20 10.18 -29.89
C LEU B 400 -9.03 10.87 -30.99
N ASN B 401 -9.32 12.16 -30.81
CA ASN B 401 -9.99 13.03 -31.80
C ASN B 401 -8.96 13.51 -32.84
N GLY B 402 -7.66 13.23 -32.70
CA GLY B 402 -6.62 13.55 -33.70
C GLY B 402 -5.74 14.74 -33.29
N ILE B 403 -4.42 14.61 -33.35
CA ILE B 403 -3.48 15.69 -32.92
C ILE B 403 -3.85 17.00 -33.61
N ALA B 404 -4.11 17.02 -34.93
CA ALA B 404 -4.42 18.23 -35.74
C ALA B 404 -5.67 18.96 -35.22
N ASN B 405 -6.76 18.22 -34.93
CA ASN B 405 -8.02 18.78 -34.36
C ASN B 405 -7.73 19.40 -32.99
N CYS B 406 -7.00 18.70 -32.13
CA CYS B 406 -6.70 19.13 -30.74
C CYS B 406 -5.85 20.41 -30.76
N ILE B 407 -4.80 20.47 -31.57
CA ILE B 407 -3.91 21.67 -31.63
C ILE B 407 -4.77 22.91 -31.91
N ARG B 408 -5.75 22.83 -32.81
CA ARG B 408 -6.49 24.02 -33.33
C ARG B 408 -7.53 24.55 -32.33
N ASN B 409 -7.69 23.95 -31.14
CA ASN B 409 -8.79 24.30 -30.23
C ASN B 409 -8.24 24.40 -28.83
N GLN B 410 -8.02 25.64 -28.32
CA GLN B 410 -7.52 25.89 -26.96
C GLN B 410 -8.53 25.42 -25.90
N SER B 411 -9.79 25.23 -26.22
CA SER B 411 -10.78 24.71 -25.23
C SER B 411 -10.70 23.18 -25.12
N ASP B 412 -10.07 22.47 -26.08
CA ASP B 412 -9.86 21.00 -26.00
C ASP B 412 -9.17 20.70 -24.68
N PRO B 413 -9.74 19.83 -23.81
CA PRO B 413 -9.16 19.50 -22.51
C PRO B 413 -7.72 18.98 -22.54
N ASN B 414 -7.30 18.41 -23.67
CA ASN B 414 -5.92 17.88 -23.87
C ASN B 414 -4.94 18.95 -24.43
N TRP B 415 -5.45 20.13 -24.80
CA TRP B 415 -4.62 21.26 -25.32
C TRP B 415 -3.74 21.78 -24.20
N PRO B 416 -2.47 22.16 -24.48
CA PRO B 416 -1.88 22.11 -25.82
C PRO B 416 -1.00 20.89 -26.22
N VAL B 417 -0.70 20.00 -25.30
CA VAL B 417 0.16 18.82 -25.57
C VAL B 417 -0.54 17.91 -26.58
N CYS B 418 -1.84 17.67 -26.41
CA CYS B 418 -2.65 16.92 -27.41
C CYS B 418 -2.25 15.44 -27.42
N GLU B 419 -1.87 14.93 -26.22
CA GLU B 419 -2.00 13.51 -25.83
C GLU B 419 -3.25 13.34 -24.93
N GLU B 420 -3.69 12.11 -24.69
CA GLU B 420 -4.70 11.82 -23.68
C GLU B 420 -4.07 12.02 -22.28
N GLY B 421 -4.43 13.09 -21.58
CA GLY B 421 -3.76 13.52 -20.32
C GLY B 421 -4.28 12.76 -19.11
N SER B 422 -5.44 12.16 -19.18
CA SER B 422 -6.08 11.51 -18.01
C SER B 422 -5.36 10.21 -17.58
N ASP B 423 -5.55 9.85 -16.32
CA ASP B 423 -4.94 8.68 -15.62
C ASP B 423 -5.10 7.35 -16.39
N PRO B 424 -6.28 6.91 -16.87
CA PRO B 424 -6.35 5.66 -17.61
C PRO B 424 -5.53 5.64 -18.93
N PHE B 425 -4.87 6.75 -19.32
CA PHE B 425 -4.03 6.83 -20.55
C PHE B 425 -2.58 7.06 -20.17
N ALA B 426 -2.32 8.07 -19.33
CA ALA B 426 -1.01 8.58 -18.92
C ALA B 426 -0.15 7.46 -18.32
N HIS B 427 -0.78 6.45 -17.72
CA HIS B 427 -0.05 5.47 -16.87
C HIS B 427 -0.24 4.06 -17.40
N VAL B 428 -0.84 3.87 -18.58
CA VAL B 428 -1.37 2.55 -19.01
C VAL B 428 -0.91 2.22 -20.43
N TYR B 429 -0.45 0.99 -20.65
CA TYR B 429 -0.13 0.42 -21.97
C TYR B 429 -1.44 0.10 -22.66
N PRO B 430 -1.43 0.03 -24.00
CA PRO B 430 -2.51 -0.59 -24.78
C PRO B 430 -2.98 -1.96 -24.26
N SER B 431 -2.09 -2.71 -23.65
CA SER B 431 -2.36 -4.02 -22.98
C SER B 431 -3.46 -3.88 -21.93
N GLY B 432 -3.54 -2.73 -21.24
CA GLY B 432 -4.45 -2.51 -20.09
C GLY B 432 -3.69 -2.52 -18.77
N PHE B 433 -2.42 -2.96 -18.78
CA PHE B 433 -1.55 -3.03 -17.58
C PHE B 433 -0.79 -1.71 -17.42
N ALA B 434 -0.60 -1.28 -16.18
CA ALA B 434 0.07 0.00 -15.85
C ALA B 434 1.55 -0.05 -16.18
N ILE B 435 2.22 1.12 -16.14
CA ILE B 435 3.68 1.26 -16.34
C ILE B 435 4.40 0.79 -15.07
N GLY B 436 3.77 0.92 -13.90
CA GLY B 436 4.28 0.47 -12.59
C GLY B 436 3.25 0.67 -11.48
N GLN B 437 3.68 0.45 -10.23
CA GLN B 437 2.92 0.68 -9.00
C GLN B 437 2.33 2.10 -8.98
N SER B 438 1.01 2.28 -8.72
CA SER B 438 0.41 3.62 -8.42
C SER B 438 0.50 3.95 -6.95
N ALA B 439 0.71 5.22 -6.62
CA ALA B 439 0.81 5.84 -5.28
C ALA B 439 -0.47 6.00 -4.43
N ASP B 440 -1.67 5.98 -5.00
CA ASP B 440 -2.90 6.35 -4.22
C ASP B 440 -3.67 7.38 -5.03
N PRO B 441 -4.99 7.25 -5.18
CA PRO B 441 -5.74 8.08 -6.12
C PRO B 441 -5.51 9.59 -5.92
N LEU B 442 -5.30 10.07 -4.68
CA LEU B 442 -5.14 11.53 -4.42
C LEU B 442 -3.86 12.06 -5.10
N SER B 443 -2.91 11.17 -5.38
CA SER B 443 -1.57 11.43 -5.95
C SER B 443 -1.34 10.56 -7.18
N SER B 444 -2.38 10.32 -7.93
CA SER B 444 -2.45 9.32 -9.03
C SER B 444 -1.51 9.70 -10.19
N TRP B 445 -0.98 10.92 -10.24
CA TRP B 445 0.07 11.31 -11.22
C TRP B 445 1.34 10.51 -10.91
N LEU B 446 1.50 10.03 -9.66
CA LEU B 446 2.75 9.41 -9.16
C LEU B 446 2.71 7.91 -9.37
N VAL B 447 3.72 7.36 -10.07
CA VAL B 447 3.93 5.89 -10.26
C VAL B 447 5.40 5.57 -9.91
N ASN B 448 5.66 4.31 -9.52
CA ASN B 448 7.05 3.78 -9.42
C ASN B 448 7.47 3.34 -10.81
N SER B 449 8.26 4.17 -11.49
CA SER B 449 8.68 3.95 -12.89
C SER B 449 10.22 3.90 -12.96
N ALA B 450 10.87 3.25 -12.00
CA ALA B 450 12.34 3.21 -11.80
C ALA B 450 13.03 2.70 -13.07
N PRO B 451 12.49 1.68 -13.75
CA PRO B 451 13.16 1.17 -14.93
C PRO B 451 13.37 2.21 -16.03
N PHE B 452 12.63 3.32 -16.03
CA PHE B 452 12.69 4.35 -17.12
C PHE B 452 13.68 5.45 -16.70
N ILE B 453 14.30 5.37 -15.54
CA ILE B 453 15.05 6.56 -15.02
C ILE B 453 16.28 6.84 -15.92
N ARG B 454 17.01 5.80 -16.31
CA ARG B 454 18.29 5.93 -17.05
C ARG B 454 17.99 6.59 -18.40
N ASP B 455 16.92 6.18 -19.08
CA ASP B 455 16.50 6.77 -20.40
C ASP B 455 16.23 8.26 -20.23
N GLN B 456 15.57 8.65 -19.14
CA GLN B 456 15.27 10.08 -18.87
C GLN B 456 16.61 10.84 -18.75
N LEU B 457 17.54 10.38 -17.92
CA LEU B 457 18.82 11.05 -17.64
C LEU B 457 19.65 11.16 -18.92
N LYS B 458 19.59 10.14 -19.77
CA LYS B 458 20.34 10.04 -21.03
C LYS B 458 19.81 11.16 -21.94
N PHE B 459 18.49 11.21 -22.11
CA PHE B 459 17.81 12.29 -22.87
C PHE B 459 18.19 13.67 -22.32
N LEU B 460 18.08 13.87 -21.01
CA LEU B 460 18.25 15.25 -20.46
C LEU B 460 19.74 15.71 -20.57
N THR B 461 20.72 14.87 -20.32
CA THR B 461 22.14 15.29 -20.34
C THR B 461 22.56 15.51 -21.79
N GLN B 462 22.00 14.79 -22.75
CA GLN B 462 22.36 14.99 -24.17
C GLN B 462 21.65 16.23 -24.74
N THR B 463 20.38 16.48 -24.37
CA THR B 463 19.54 17.55 -24.98
C THR B 463 19.82 18.87 -24.26
N TYR B 464 20.05 18.86 -22.93
CA TYR B 464 20.17 20.06 -22.06
C TYR B 464 21.45 19.96 -21.25
N PRO B 465 22.64 19.98 -21.91
CA PRO B 465 23.91 19.66 -21.26
C PRO B 465 24.24 20.87 -20.40
N ALA B 466 24.77 20.61 -19.22
CA ALA B 466 25.26 21.65 -18.29
C ALA B 466 26.67 21.25 -17.86
N LYS B 467 27.55 22.22 -17.65
CA LYS B 467 28.97 22.04 -17.25
C LYS B 467 29.07 21.29 -15.91
N GLY B 468 28.17 21.54 -14.96
CA GLY B 468 28.22 20.95 -13.61
C GLY B 468 27.40 19.68 -13.55
N GLY B 469 26.85 19.24 -14.68
CA GLY B 469 26.08 17.98 -14.70
C GLY B 469 24.67 18.16 -14.26
N ILE B 470 24.12 17.17 -13.59
CA ILE B 470 22.66 17.01 -13.31
C ILE B 470 22.43 16.49 -11.88
N TYR B 471 21.44 17.08 -11.20
CA TYR B 471 20.85 16.70 -9.88
C TYR B 471 19.55 15.90 -10.10
N PHE B 472 19.31 14.85 -9.31
CA PHE B 472 17.94 14.31 -9.07
C PHE B 472 17.40 15.08 -7.87
N SER B 473 16.76 16.20 -8.12
CA SER B 473 16.57 17.29 -7.13
C SER B 473 15.31 17.04 -6.31
N GLU B 474 14.45 16.15 -6.76
CA GLU B 474 13.27 15.70 -6.03
C GLU B 474 12.80 14.34 -6.56
N PHE B 475 12.45 13.42 -5.66
CA PHE B 475 11.78 12.14 -5.89
C PHE B 475 11.29 11.67 -4.52
N GLY B 476 10.19 10.93 -4.49
CA GLY B 476 9.61 10.47 -3.23
C GLY B 476 8.24 9.89 -3.46
N TRP B 477 7.64 9.36 -2.40
CA TRP B 477 6.38 8.56 -2.46
C TRP B 477 5.34 9.17 -1.52
N ALA B 478 4.11 9.29 -1.99
CA ALA B 478 2.91 9.60 -1.18
C ALA B 478 2.21 8.26 -0.82
N GLU B 479 2.38 7.71 0.41
CA GLU B 479 2.20 6.25 0.75
C GLU B 479 0.73 5.99 0.93
N ASP B 480 0.31 4.82 0.44
CA ASP B 480 -1.06 4.27 0.21
C ASP B 480 -1.98 4.59 1.38
N ALA B 481 -2.06 3.71 2.38
CA ALA B 481 -3.10 3.74 3.44
C ALA B 481 -2.96 4.94 4.40
N GLU B 482 -1.75 5.53 4.55
CA GLU B 482 -1.25 6.03 5.87
C GLU B 482 -1.98 7.32 6.33
N TYR B 483 -2.65 8.01 5.39
CA TYR B 483 -3.32 9.33 5.51
C TYR B 483 -4.09 9.34 6.85
N ASP B 484 -3.33 9.50 7.96
CA ASP B 484 -3.66 9.36 9.41
C ASP B 484 -4.97 8.54 9.60
N ARG B 485 -5.01 7.36 8.95
CA ARG B 485 -6.05 6.28 9.09
C ARG B 485 -5.73 5.44 10.35
N GLN B 486 -4.53 5.60 10.95
CA GLN B 486 -3.80 4.46 11.55
C GLN B 486 -3.27 4.74 12.97
N LEU B 487 -2.65 3.69 13.57
CA LEU B 487 -1.75 3.73 14.76
C LEU B 487 -0.30 3.81 14.28
N LEU B 488 0.65 4.28 15.11
CA LEU B 488 2.08 4.55 14.71
C LEU B 488 2.79 3.33 14.03
N TYR B 489 2.69 2.12 14.57
CA TYR B 489 3.38 0.90 14.07
C TYR B 489 2.95 0.62 12.61
N GLN B 490 1.71 0.97 12.23
CA GLN B 490 1.20 0.73 10.86
C GLN B 490 1.78 1.77 9.94
N ILE B 491 1.89 3.01 10.39
CA ILE B 491 2.47 4.14 9.60
C ILE B 491 3.96 3.90 9.36
N THR B 492 4.71 3.49 10.37
CA THR B 492 6.20 3.54 10.27
C THR B 492 6.75 2.41 9.39
N TRP B 493 6.03 1.30 9.17
CA TRP B 493 6.48 0.23 8.23
C TRP B 493 5.93 0.50 6.83
N ASP B 494 6.58 1.42 6.11
CA ASP B 494 6.09 2.02 4.83
C ASP B 494 6.84 1.32 3.69
N GLY B 495 6.42 0.06 3.43
CA GLY B 495 6.99 -0.80 2.41
C GLY B 495 7.05 -0.18 1.04
N LEU B 496 6.01 0.45 0.52
CA LEU B 496 6.02 0.98 -0.89
C LEU B 496 6.92 2.20 -1.01
N ARG B 497 6.91 3.11 -0.02
CA ARG B 497 7.88 4.22 0.00
C ARG B 497 9.28 3.61 -0.03
N THR B 498 9.59 2.67 0.85
CA THR B 498 10.94 2.10 1.02
C THR B 498 11.42 1.47 -0.30
N GLN B 499 10.53 0.71 -0.94
CA GLN B 499 10.72 0.08 -2.26
C GLN B 499 11.05 1.18 -3.31
N TYR B 500 10.22 2.22 -3.42
CA TYR B 500 10.36 3.30 -4.45
C TYR B 500 11.72 3.99 -4.25
N LEU B 501 12.06 4.36 -3.01
CA LEU B 501 13.30 5.12 -2.76
C LEU B 501 14.53 4.22 -3.07
N THR B 502 14.46 2.95 -2.74
CA THR B 502 15.60 2.04 -3.00
C THR B 502 15.69 1.80 -4.51
N ASP B 503 14.55 1.57 -5.17
CA ASP B 503 14.42 1.39 -6.65
C ASP B 503 15.16 2.57 -7.27
N TYR B 504 14.86 3.78 -6.82
CA TYR B 504 15.11 4.99 -7.57
C TYR B 504 16.61 5.24 -7.35
N LEU B 505 17.08 5.06 -6.10
CA LEU B 505 18.52 5.25 -5.74
C LEU B 505 19.37 4.23 -6.53
N SER B 506 18.92 2.97 -6.63
CA SER B 506 19.63 1.88 -7.34
C SER B 506 19.88 2.25 -8.80
N GLN B 507 18.86 2.77 -9.45
CA GLN B 507 18.89 3.17 -10.88
C GLN B 507 19.81 4.39 -11.10
N LEU B 508 19.88 5.33 -10.14
CA LEU B 508 20.82 6.47 -10.21
C LEU B 508 22.25 5.92 -10.14
N LEU B 509 22.51 4.91 -9.32
CA LEU B 509 23.86 4.32 -9.21
C LEU B 509 24.25 3.76 -10.58
N LEU B 510 23.32 3.07 -11.23
CA LEU B 510 23.57 2.39 -12.52
C LEU B 510 23.74 3.46 -13.61
N ALA B 511 23.03 4.58 -13.54
CA ALA B 511 23.18 5.74 -14.48
C ALA B 511 24.63 6.23 -14.42
N VAL B 512 25.20 6.34 -13.21
CA VAL B 512 26.60 6.77 -13.05
C VAL B 512 27.51 5.68 -13.67
N HIS B 513 27.27 4.42 -13.34
CA HIS B 513 28.26 3.33 -13.63
C HIS B 513 28.09 2.75 -15.03
N LYS B 514 26.88 2.68 -15.57
CA LYS B 514 26.62 2.11 -16.92
C LYS B 514 26.43 3.20 -18.00
N ASP B 515 25.91 4.37 -17.69
CA ASP B 515 25.63 5.41 -18.71
C ASP B 515 26.57 6.63 -18.57
N GLY B 516 27.47 6.63 -17.60
CA GLY B 516 28.47 7.70 -17.44
C GLY B 516 27.83 9.03 -17.12
N ILE B 517 26.67 9.02 -16.44
CA ILE B 517 25.97 10.30 -16.12
C ILE B 517 26.75 11.07 -15.05
N ASN B 518 27.01 12.34 -15.32
CA ASN B 518 27.65 13.27 -14.36
C ASN B 518 26.60 13.61 -13.25
N LEU B 519 26.21 12.67 -12.42
CA LEU B 519 25.10 12.88 -11.44
C LEU B 519 25.70 13.46 -10.14
N ARG B 520 25.22 14.63 -9.69
CA ARG B 520 25.86 15.40 -8.59
C ARG B 520 25.17 15.09 -7.26
N GLY B 521 23.94 14.56 -7.32
CA GLY B 521 23.16 14.41 -6.09
C GLY B 521 21.81 13.75 -6.26
N ALA B 522 21.23 13.35 -5.15
CA ALA B 522 19.88 12.79 -5.05
C ALA B 522 19.21 13.37 -3.81
N LEU B 523 18.13 14.15 -3.99
CA LEU B 523 17.43 14.91 -2.91
C LEU B 523 16.00 14.40 -2.86
N THR B 524 15.63 13.70 -1.79
CA THR B 524 14.30 13.08 -1.67
C THR B 524 13.35 14.15 -1.11
N TRP B 525 12.15 14.19 -1.69
CA TRP B 525 10.97 14.92 -1.17
C TRP B 525 10.08 13.93 -0.45
N SER B 526 9.99 14.02 0.87
CA SER B 526 10.64 15.02 1.70
C SER B 526 11.18 14.34 2.98
N PHE B 527 11.84 15.11 3.86
CA PHE B 527 12.27 14.61 5.20
C PHE B 527 11.12 14.54 6.21
N VAL B 528 9.98 15.22 5.92
CA VAL B 528 8.76 15.26 6.78
C VAL B 528 7.49 15.26 5.92
N ASP B 529 6.42 14.57 6.37
CA ASP B 529 5.03 14.87 5.97
C ASP B 529 4.84 16.38 6.12
N ASN B 530 4.40 17.06 5.05
CA ASN B 530 4.27 18.53 5.10
C ASN B 530 2.99 18.98 4.41
N TRP B 531 2.87 20.29 4.21
CA TRP B 531 1.66 20.90 3.61
C TRP B 531 1.79 20.86 2.07
N GLU B 532 1.00 20.02 1.40
CA GLU B 532 1.13 19.71 -0.04
C GLU B 532 0.09 20.50 -0.88
N TRP B 533 0.18 21.83 -0.81
CA TRP B 533 -0.55 22.78 -1.69
C TRP B 533 -2.05 22.54 -1.50
N GLY B 534 -2.79 22.30 -2.58
CA GLY B 534 -4.25 22.10 -2.55
C GLY B 534 -4.70 20.94 -1.67
N LEU B 535 -3.82 19.97 -1.39
CA LEU B 535 -4.15 18.75 -0.62
C LEU B 535 -3.80 18.93 0.88
N GLY B 536 -3.05 19.98 1.22
CA GLY B 536 -2.62 20.24 2.61
C GLY B 536 -1.96 19.02 3.21
N MET B 537 -2.18 18.73 4.49
CA MET B 537 -1.42 17.68 5.22
C MET B 537 -2.02 16.27 4.98
N GLN B 538 -3.04 16.13 4.11
CA GLN B 538 -3.62 14.80 3.79
C GLN B 538 -2.68 13.95 2.92
N GLN B 539 -1.82 14.59 2.11
CA GLN B 539 -0.78 13.90 1.29
C GLN B 539 0.48 13.82 2.15
N LYS B 540 0.98 12.61 2.34
CA LYS B 540 2.16 12.32 3.18
C LYS B 540 3.26 11.91 2.23
N PHE B 541 4.32 12.73 2.14
CA PHE B 541 5.51 12.48 1.30
C PHE B 541 6.75 12.20 2.16
N GLY B 542 6.63 12.23 3.48
CA GLY B 542 7.82 12.24 4.36
C GLY B 542 8.40 10.84 4.52
N PHE B 543 9.68 10.76 4.84
CA PHE B 543 10.28 9.51 5.37
C PHE B 543 10.23 9.58 6.91
N GLN B 544 9.70 10.68 7.47
CA GLN B 544 9.32 10.78 8.91
C GLN B 544 7.85 11.15 8.99
N PHE B 545 7.16 10.57 9.96
CA PHE B 545 5.75 10.92 10.26
C PHE B 545 5.79 12.16 11.13
N VAL B 546 4.88 13.12 10.85
CA VAL B 546 4.64 14.30 11.71
C VAL B 546 3.25 14.14 12.27
N ASN B 547 3.16 14.12 13.60
CA ASN B 547 1.92 13.93 14.34
C ASN B 547 1.18 15.26 14.48
N GLN B 548 0.17 15.50 13.65
CA GLN B 548 -0.63 16.74 13.57
C GLN B 548 -1.68 16.77 14.69
N SER B 549 -1.88 15.69 15.46
CA SER B 549 -2.70 15.71 16.68
C SER B 549 -1.86 15.98 17.92
N ASP B 550 -0.55 16.16 17.79
CA ASP B 550 0.35 16.42 18.94
C ASP B 550 0.74 17.89 18.88
N PRO B 551 0.63 18.65 19.99
CA PRO B 551 1.07 20.04 20.04
C PRO B 551 2.52 20.24 19.56
N ASP B 552 3.39 19.28 19.88
CA ASP B 552 4.86 19.30 19.62
C ASP B 552 5.17 18.92 18.17
N LEU B 553 4.17 18.47 17.38
CA LEU B 553 4.30 17.97 15.99
C LEU B 553 5.50 16.98 15.89
N THR B 554 5.55 16.05 16.85
CA THR B 554 6.65 15.08 17.06
C THR B 554 6.94 14.32 15.77
N ARG B 555 8.21 14.21 15.42
CA ARG B 555 8.69 13.41 14.25
C ARG B 555 8.97 12.00 14.75
N THR B 556 8.59 11.01 13.96
CA THR B 556 8.99 9.58 14.07
C THR B 556 9.55 9.15 12.71
N PHE B 557 10.77 8.60 12.68
CA PHE B 557 11.36 7.88 11.53
C PHE B 557 10.44 6.72 11.08
N LYS B 558 10.13 6.71 9.79
CA LYS B 558 9.56 5.54 9.07
C LYS B 558 10.74 4.63 8.64
N LEU B 559 10.41 3.41 8.25
CA LEU B 559 11.38 2.42 7.73
C LEU B 559 12.14 3.07 6.57
N SER B 560 11.46 3.86 5.74
CA SER B 560 12.05 4.47 4.52
C SER B 560 13.17 5.44 4.93
N ALA B 561 13.10 6.04 6.12
CA ALA B 561 14.18 6.93 6.59
C ALA B 561 15.44 6.07 6.87
N HIS B 562 15.27 4.87 7.44
CA HIS B 562 16.38 3.92 7.73
C HIS B 562 16.88 3.32 6.42
N ALA B 563 16.02 3.15 5.45
CA ALA B 563 16.35 2.59 4.12
C ALA B 563 17.27 3.59 3.46
N TYR B 564 16.91 4.87 3.61
CA TYR B 564 17.68 6.00 3.02
C TYR B 564 19.04 6.09 3.70
N ALA B 565 19.08 6.08 5.02
CA ALA B 565 20.33 6.07 5.82
C ALA B 565 21.20 4.89 5.38
N GLN B 566 20.62 3.67 5.26
CA GLN B 566 21.40 2.43 4.97
C GLN B 566 21.97 2.50 3.55
N PHE B 567 21.20 2.97 2.60
CA PHE B 567 21.66 3.19 1.21
C PHE B 567 22.88 4.15 1.20
N GLY B 568 22.81 5.30 1.89
CA GLY B 568 23.97 6.22 2.04
C GLY B 568 25.20 5.54 2.63
N ARG B 569 25.09 4.82 3.75
CA ARG B 569 26.24 4.14 4.39
C ARG B 569 26.81 3.13 3.38
N ASN B 570 25.98 2.46 2.58
CA ASN B 570 26.43 1.34 1.72
C ASN B 570 27.01 1.91 0.42
N HIS B 571 26.54 3.05 -0.09
CA HIS B 571 26.89 3.41 -1.49
C HIS B 571 27.54 4.79 -1.63
N LEU B 572 27.80 5.51 -0.54
CA LEU B 572 28.62 6.77 -0.54
C LEU B 572 30.12 6.51 -0.33
N HIS B 573 30.58 6.27 0.90
CA HIS B 573 31.99 6.47 1.41
C HIS B 573 32.30 7.85 2.01
#